data_3RB7
#
_entry.id   3RB7
#
_cell.length_a   107.535
_cell.length_b   107.535
_cell.length_c   358.650
_cell.angle_alpha   90.00
_cell.angle_beta   90.00
_cell.angle_gamma   120.00
#
_symmetry.space_group_name_H-M   'H 3'
#
loop_
_entity.id
_entity.type
_entity.pdbx_description
1 polymer 'Na/Ca exchange protein'
2 non-polymer 'CALCIUM ION'
3 non-polymer 'SULFATE ION'
4 water water
#
_entity_poly.entity_id   1
_entity_poly.type   'polypeptide(L)'
_entity_poly.pdbx_seq_one_letter_code
;GDDEEADDPIRMYFEPGHYTVMENCGEFEVRVVRRGDISTYASVEYETQDGTASAGTDFVGRKGLLSFPPGVDEQRFRIE
VIDDDVFEEDECFYIRLFNPSEGVKLAVPMIATVMILDDDHAGIFAFTDSVFEITESVGRFELKVMRYSGARGTVIVPYW
TENDTATESKDYEGARGELVFENNESEKFIDLFILEESSYEKDVSFKVHIGEPRLAPDSTHYPKIKEVEKKPVQDLTELD
RILLLSKPRNGELTTAYVRIRESQEFKATVDKLVAKANVSAVLGTSSWKEQFKDALTV
;
_entity_poly.pdbx_strand_id   A,B,E,G
#
# COMPACT_ATOMS: atom_id res chain seq x y z
N ILE A 10 23.60 -53.10 -26.81
CA ILE A 10 24.52 -53.46 -25.72
C ILE A 10 23.90 -53.22 -24.34
N ARG A 11 24.04 -52.01 -23.80
CA ARG A 11 23.42 -51.64 -22.51
C ARG A 11 22.23 -50.68 -22.59
N MET A 12 21.71 -50.31 -21.42
CA MET A 12 20.47 -49.51 -21.32
C MET A 12 20.36 -48.79 -19.97
N TYR A 13 20.43 -47.45 -19.98
CA TYR A 13 20.53 -46.69 -18.73
C TYR A 13 19.59 -45.47 -18.60
N PHE A 14 19.98 -44.55 -17.72
CA PHE A 14 19.23 -43.33 -17.42
C PHE A 14 19.91 -42.08 -17.94
N GLU A 15 19.11 -41.18 -18.50
CA GLU A 15 19.58 -39.86 -18.94
C GLU A 15 18.39 -38.91 -19.09
N PRO A 16 18.32 -37.84 -18.27
CA PRO A 16 19.20 -37.30 -17.23
C PRO A 16 19.23 -38.06 -15.89
N GLY A 17 20.22 -37.73 -15.06
CA GLY A 17 20.46 -38.40 -13.80
C GLY A 17 19.58 -37.98 -12.63
N HIS A 18 19.53 -36.68 -12.34
CA HIS A 18 18.68 -36.16 -11.27
C HIS A 18 17.48 -35.40 -11.85
N TYR A 19 16.43 -35.27 -11.06
CA TYR A 19 15.29 -34.44 -11.42
C TYR A 19 14.91 -33.55 -10.24
N THR A 20 14.98 -32.24 -10.44
CA THR A 20 14.55 -31.30 -9.41
C THR A 20 13.24 -30.65 -9.85
N VAL A 21 12.21 -30.78 -9.01
CA VAL A 21 10.86 -30.46 -9.42
C VAL A 21 10.02 -29.89 -8.27
N MET A 22 9.25 -28.85 -8.55
CA MET A 22 8.37 -28.28 -7.52
C MET A 22 7.27 -29.27 -7.22
N GLU A 23 6.70 -29.15 -6.02
CA GLU A 23 5.66 -30.08 -5.61
C GLU A 23 4.39 -29.77 -6.36
N ASN A 24 4.41 -28.68 -7.11
CA ASN A 24 3.18 -28.13 -7.63
C ASN A 24 2.99 -28.25 -9.13
N CYS A 25 3.70 -29.15 -9.79
CA CYS A 25 3.47 -29.32 -11.23
C CYS A 25 2.87 -30.67 -11.65
N GLY A 26 2.38 -31.43 -10.66
CA GLY A 26 1.74 -32.69 -10.96
C GLY A 26 2.60 -33.58 -11.83
N GLU A 27 2.29 -33.65 -13.12
CA GLU A 27 2.95 -34.58 -14.03
C GLU A 27 4.38 -34.14 -14.36
N PHE A 28 5.31 -35.10 -14.43
CA PHE A 28 6.70 -34.82 -14.86
C PHE A 28 7.41 -36.01 -15.53
N GLU A 29 8.11 -35.73 -16.62
CA GLU A 29 8.70 -36.77 -17.47
C GLU A 29 10.03 -37.32 -16.95
N VAL A 30 10.30 -38.59 -17.26
CA VAL A 30 11.58 -39.24 -16.97
C VAL A 30 12.05 -40.04 -18.20
N ARG A 31 13.35 -39.98 -18.51
CA ARG A 31 13.83 -40.46 -19.80
C ARG A 31 14.87 -41.60 -19.77
N VAL A 32 14.48 -42.73 -20.36
CA VAL A 32 15.30 -43.95 -20.42
C VAL A 32 16.05 -44.12 -21.77
N VAL A 33 17.19 -44.80 -21.73
CA VAL A 33 18.06 -44.88 -22.90
C VAL A 33 18.53 -46.30 -23.18
N ARG A 34 18.52 -46.69 -24.46
CA ARG A 34 19.12 -47.95 -24.91
C ARG A 34 20.38 -47.56 -25.65
N ARG A 35 21.33 -48.48 -25.78
CA ARG A 35 22.60 -48.15 -26.43
C ARG A 35 23.31 -49.33 -27.10
N GLY A 36 24.42 -49.04 -27.78
CA GLY A 36 25.03 -50.01 -28.66
C GLY A 36 24.07 -50.27 -29.81
N ASP A 37 23.96 -51.53 -30.25
CA ASP A 37 22.97 -51.85 -31.28
C ASP A 37 21.53 -51.72 -30.79
N ILE A 38 20.60 -51.61 -31.74
CA ILE A 38 19.23 -51.21 -31.43
C ILE A 38 18.18 -51.80 -32.40
N SER A 39 18.62 -52.61 -33.35
CA SER A 39 17.77 -53.11 -34.43
C SER A 39 16.57 -53.94 -33.98
N THR A 40 16.62 -54.44 -32.76
CA THR A 40 15.64 -55.39 -32.27
C THR A 40 14.65 -54.81 -31.24
N TYR A 41 13.69 -55.63 -30.82
CA TYR A 41 12.68 -55.23 -29.85
C TYR A 41 13.17 -55.50 -28.43
N ALA A 42 13.52 -54.43 -27.72
CA ALA A 42 14.11 -54.56 -26.38
C ALA A 42 13.10 -54.22 -25.30
N SER A 43 13.56 -54.18 -24.05
CA SER A 43 12.71 -53.74 -22.94
C SER A 43 13.39 -53.73 -21.57
N VAL A 44 12.71 -53.12 -20.60
CA VAL A 44 13.20 -53.01 -19.23
C VAL A 44 12.06 -52.49 -18.37
N GLU A 45 12.23 -52.53 -17.04
CA GLU A 45 11.18 -52.08 -16.12
C GLU A 45 11.68 -51.19 -14.99
N TYR A 46 10.75 -50.49 -14.33
CA TYR A 46 11.08 -49.55 -13.26
C TYR A 46 10.13 -49.64 -12.07
N GLU A 47 10.60 -49.13 -10.93
CA GLU A 47 9.80 -49.04 -9.71
C GLU A 47 10.10 -47.77 -8.89
N THR A 48 9.06 -47.05 -8.50
CA THR A 48 9.23 -45.84 -7.67
C THR A 48 9.37 -46.18 -6.19
N GLN A 49 10.62 -46.28 -5.76
CA GLN A 49 10.95 -46.52 -4.35
C GLN A 49 10.94 -45.22 -3.54
N ASP A 50 10.53 -45.32 -2.28
CA ASP A 50 10.42 -44.16 -1.43
C ASP A 50 11.77 -43.70 -0.90
N GLY A 51 11.82 -42.45 -0.46
CA GLY A 51 12.99 -41.86 0.17
C GLY A 51 12.55 -41.10 1.40
N THR A 52 12.83 -39.81 1.48
CA THR A 52 12.13 -38.97 2.46
C THR A 52 10.81 -38.47 1.85
N ALA A 53 10.63 -38.74 0.54
CA ALA A 53 9.31 -38.64 -0.08
C ALA A 53 8.76 -40.06 -0.25
N SER A 54 7.49 -40.25 0.03
CA SER A 54 6.91 -41.58 0.02
C SER A 54 5.67 -41.61 -0.86
N ALA A 55 5.45 -42.74 -1.53
CA ALA A 55 4.22 -42.90 -2.26
C ALA A 55 3.09 -42.59 -1.30
N GLY A 56 2.09 -41.87 -1.78
CA GLY A 56 0.95 -41.54 -0.95
C GLY A 56 0.95 -40.15 -0.36
N THR A 57 2.14 -39.65 0.00
CA THR A 57 2.21 -38.37 0.71
C THR A 57 2.73 -37.24 -0.19
N ASP A 58 3.81 -37.52 -0.94
CA ASP A 58 4.44 -36.47 -1.74
C ASP A 58 4.56 -36.78 -3.23
N PHE A 59 4.54 -38.06 -3.56
CA PHE A 59 4.46 -38.54 -4.95
C PHE A 59 3.63 -39.81 -4.95
N VAL A 60 2.90 -40.09 -6.02
CA VAL A 60 2.16 -41.35 -6.11
C VAL A 60 2.99 -42.47 -6.74
N GLY A 61 3.48 -43.38 -5.91
CA GLY A 61 4.28 -44.52 -6.35
C GLY A 61 3.72 -45.24 -7.57
N ARG A 62 4.63 -45.66 -8.46
CA ARG A 62 4.27 -46.26 -9.73
C ARG A 62 5.24 -47.35 -10.13
N LYS A 63 4.71 -48.40 -10.75
CA LYS A 63 5.55 -49.41 -11.40
C LYS A 63 5.04 -49.58 -12.83
N GLY A 64 5.90 -50.07 -13.71
CA GLY A 64 5.52 -50.23 -15.10
C GLY A 64 6.55 -50.95 -15.94
N LEU A 65 6.27 -51.03 -17.24
CA LEU A 65 7.11 -51.77 -18.18
C LEU A 65 7.53 -50.88 -19.35
N LEU A 66 8.83 -50.86 -19.63
CA LEU A 66 9.42 -50.07 -20.72
C LEU A 66 9.74 -50.92 -21.96
N SER A 67 8.99 -50.74 -23.04
CA SER A 67 9.19 -51.52 -24.27
C SER A 67 9.94 -50.73 -25.36
N PHE A 68 11.04 -51.30 -25.83
CA PHE A 68 11.90 -50.63 -26.81
C PHE A 68 11.89 -51.37 -28.14
N PRO A 69 10.77 -51.30 -28.87
CA PRO A 69 10.66 -51.97 -30.18
C PRO A 69 11.87 -51.71 -31.06
N PRO A 70 12.00 -52.47 -32.15
CA PRO A 70 13.11 -52.22 -33.07
C PRO A 70 13.09 -50.77 -33.52
N GLY A 71 14.25 -50.11 -33.49
CA GLY A 71 14.34 -48.76 -34.03
C GLY A 71 14.43 -47.69 -32.96
N VAL A 72 13.45 -47.68 -32.07
CA VAL A 72 13.46 -46.76 -30.94
C VAL A 72 14.61 -47.09 -29.99
N ASP A 73 15.20 -46.05 -29.40
CA ASP A 73 16.34 -46.22 -28.49
C ASP A 73 16.14 -45.48 -27.17
N GLU A 74 14.97 -44.89 -27.01
CA GLU A 74 14.68 -44.22 -25.74
C GLU A 74 13.20 -44.25 -25.43
N GLN A 75 12.89 -44.18 -24.14
CA GLN A 75 11.51 -44.14 -23.67
C GLN A 75 11.34 -43.02 -22.68
N ARG A 76 10.10 -42.56 -22.51
CA ARG A 76 9.77 -41.49 -21.57
C ARG A 76 8.58 -41.91 -20.71
N PHE A 77 8.31 -41.19 -19.62
CA PHE A 77 7.13 -41.44 -18.75
C PHE A 77 6.94 -40.46 -17.60
N ARG A 78 5.81 -39.76 -17.61
CA ARG A 78 5.53 -38.81 -16.56
C ARG A 78 5.32 -39.52 -15.24
N ILE A 79 5.93 -38.98 -14.18
CA ILE A 79 5.61 -39.37 -12.80
C ILE A 79 4.82 -38.23 -12.13
N GLU A 80 3.99 -38.56 -11.15
CA GLU A 80 3.15 -37.55 -10.51
C GLU A 80 3.60 -37.18 -9.10
N VAL A 81 3.52 -35.88 -8.82
CA VAL A 81 3.89 -35.32 -7.53
C VAL A 81 2.61 -34.82 -6.84
N ILE A 82 2.52 -35.06 -5.53
CA ILE A 82 1.27 -34.89 -4.78
C ILE A 82 1.18 -33.54 -4.06
N ASP A 83 0.40 -32.62 -4.62
CA ASP A 83 0.39 -31.26 -4.08
C ASP A 83 -0.31 -31.17 -2.75
N ASP A 84 0.11 -30.18 -1.97
CA ASP A 84 -0.51 -29.92 -0.68
C ASP A 84 -0.15 -28.53 -0.16
N ASP A 85 -0.80 -28.15 0.93
CA ASP A 85 -0.82 -26.79 1.41
C ASP A 85 0.16 -26.74 2.58
N VAL A 86 0.68 -27.92 2.91
CA VAL A 86 1.59 -28.17 4.01
C VAL A 86 3.00 -27.72 3.71
N PHE A 87 3.68 -27.18 4.71
CA PHE A 87 5.11 -26.88 4.57
C PHE A 87 6.00 -28.05 4.99
N GLU A 88 6.78 -28.55 4.04
CA GLU A 88 7.79 -29.55 4.33
C GLU A 88 9.12 -29.01 3.85
N GLU A 89 10.12 -29.87 3.78
CA GLU A 89 11.39 -29.47 3.20
C GLU A 89 11.69 -30.24 1.91
N ASP A 90 12.93 -30.12 1.45
CA ASP A 90 13.32 -30.67 0.16
C ASP A 90 13.68 -32.15 0.28
N GLU A 91 12.80 -33.00 -0.22
CA GLU A 91 12.94 -34.45 -0.04
C GLU A 91 13.27 -35.19 -1.34
N CYS A 92 13.68 -36.44 -1.21
CA CYS A 92 14.09 -37.28 -2.33
C CYS A 92 13.25 -38.55 -2.38
N PHE A 93 12.90 -39.00 -3.58
CA PHE A 93 12.46 -40.38 -3.76
C PHE A 93 13.20 -41.00 -4.95
N TYR A 94 13.20 -42.32 -5.04
CA TYR A 94 14.08 -42.99 -5.99
C TYR A 94 13.33 -43.86 -7.00
N ILE A 95 13.80 -43.87 -8.24
CA ILE A 95 13.25 -44.76 -9.27
C ILE A 95 14.36 -45.75 -9.71
N ARG A 96 13.99 -47.01 -9.91
CA ARG A 96 14.97 -48.08 -10.05
C ARG A 96 14.72 -49.00 -11.24
N LEU A 97 15.76 -49.18 -12.06
CA LEU A 97 15.67 -50.02 -13.24
C LEU A 97 15.96 -51.48 -12.93
N PHE A 98 15.38 -52.38 -13.72
CA PHE A 98 15.59 -53.80 -13.50
C PHE A 98 15.05 -54.65 -14.66
N ASN A 99 15.40 -55.93 -14.65
CA ASN A 99 14.87 -56.89 -15.62
C ASN A 99 15.08 -56.51 -17.10
N PRO A 100 16.29 -56.06 -17.44
CA PRO A 100 16.53 -55.81 -18.88
C PRO A 100 16.49 -57.11 -19.69
N SER A 101 15.78 -57.11 -20.82
CA SER A 101 15.72 -58.28 -21.70
C SER A 101 17.11 -58.83 -22.04
N GLU A 102 17.15 -60.03 -22.62
CA GLU A 102 18.39 -60.83 -22.70
C GLU A 102 19.56 -60.24 -23.48
N GLY A 103 19.31 -59.36 -24.44
CA GLY A 103 20.39 -58.72 -25.15
C GLY A 103 21.00 -57.59 -24.34
N VAL A 104 20.11 -56.79 -23.76
CA VAL A 104 20.50 -55.55 -23.10
C VAL A 104 20.90 -55.69 -21.64
N LYS A 105 22.08 -55.18 -21.33
CA LYS A 105 22.63 -55.21 -19.97
C LYS A 105 22.38 -53.88 -19.28
N LEU A 106 22.75 -53.79 -17.99
CA LEU A 106 22.45 -52.59 -17.19
C LEU A 106 23.70 -51.78 -16.85
N ALA A 107 23.66 -50.50 -17.22
CA ALA A 107 24.77 -49.61 -16.96
C ALA A 107 24.35 -48.50 -16.02
N VAL A 108 25.31 -47.63 -15.73
CA VAL A 108 25.12 -46.53 -14.82
C VAL A 108 24.40 -45.40 -15.54
N PRO A 109 23.45 -44.73 -14.85
CA PRO A 109 22.85 -45.14 -13.58
C PRO A 109 21.49 -45.79 -13.82
N MET A 110 21.21 -46.89 -13.14
CA MET A 110 19.87 -47.44 -13.25
C MET A 110 19.03 -47.16 -11.98
N ILE A 111 19.47 -46.17 -11.20
CA ILE A 111 18.69 -45.65 -10.07
C ILE A 111 18.68 -44.14 -10.14
N ALA A 112 17.49 -43.56 -10.24
CA ALA A 112 17.37 -42.11 -10.42
C ALA A 112 16.90 -41.36 -9.18
N THR A 113 17.57 -40.25 -8.91
CA THR A 113 17.28 -39.46 -7.75
C THR A 113 16.38 -38.31 -8.17
N VAL A 114 15.32 -38.10 -7.40
CA VAL A 114 14.32 -37.11 -7.74
C VAL A 114 14.04 -36.26 -6.52
N MET A 115 14.45 -35.00 -6.59
CA MET A 115 14.22 -34.08 -5.50
C MET A 115 12.90 -33.38 -5.65
N ILE A 116 12.18 -33.26 -4.54
CA ILE A 116 10.95 -32.46 -4.53
C ILE A 116 11.13 -31.18 -3.73
N LEU A 117 11.12 -30.06 -4.45
CA LEU A 117 11.17 -28.77 -3.82
C LEU A 117 9.78 -28.37 -3.39
N ASP A 118 9.70 -27.87 -2.17
CA ASP A 118 8.45 -27.42 -1.61
C ASP A 118 8.16 -26.03 -2.13
N ASP A 119 7.11 -25.40 -1.62
CA ASP A 119 6.69 -24.09 -2.11
C ASP A 119 5.62 -23.55 -1.18
N ASP A 120 5.37 -24.28 -0.11
CA ASP A 120 4.33 -23.91 0.85
C ASP A 120 4.97 -23.17 2.02
N HIS A 121 6.16 -22.64 1.78
CA HIS A 121 6.87 -21.82 2.76
C HIS A 121 6.51 -20.36 2.55
N ALA A 122 6.78 -19.54 3.57
CA ALA A 122 6.27 -18.17 3.59
C ALA A 122 6.75 -17.25 2.46
N GLY A 123 8.03 -16.91 2.37
CA GLY A 123 9.06 -17.24 3.33
C GLY A 123 10.02 -16.07 3.49
N ILE A 124 11.03 -16.00 2.62
CA ILE A 124 12.13 -15.05 2.77
C ILE A 124 11.95 -13.76 1.98
N PHE A 125 12.16 -12.64 2.67
CA PHE A 125 11.89 -11.32 2.10
C PHE A 125 13.11 -10.42 2.09
N ALA A 126 13.29 -9.69 0.98
CA ALA A 126 14.44 -8.82 0.87
C ALA A 126 14.35 -7.85 -0.31
N PHE A 127 15.40 -7.05 -0.45
CA PHE A 127 15.55 -6.16 -1.59
C PHE A 127 16.38 -6.81 -2.70
N THR A 128 16.42 -6.15 -3.86
CA THR A 128 17.21 -6.61 -4.99
C THR A 128 18.70 -6.33 -4.74
N ASP A 129 19.15 -5.11 -5.01
CA ASP A 129 20.50 -4.69 -4.63
C ASP A 129 20.46 -4.05 -3.23
N SER A 130 21.61 -3.66 -2.70
CA SER A 130 21.66 -2.90 -1.46
C SER A 130 22.09 -1.47 -1.72
N VAL A 131 22.11 -1.06 -2.99
CA VAL A 131 22.27 0.35 -3.36
C VAL A 131 21.65 0.65 -4.72
N PHE A 132 20.82 1.69 -4.76
CA PHE A 132 20.13 2.03 -5.98
C PHE A 132 20.45 3.47 -6.34
N GLU A 133 20.47 3.77 -7.65
CA GLU A 133 20.78 5.10 -8.15
C GLU A 133 19.57 5.75 -8.79
N ILE A 134 19.54 7.09 -8.80
CA ILE A 134 18.61 7.85 -9.63
C ILE A 134 18.90 9.35 -9.55
N THR A 135 18.51 10.11 -10.57
CA THR A 135 18.73 11.56 -10.57
C THR A 135 17.91 12.25 -9.48
N GLU A 136 17.34 13.42 -9.78
CA GLU A 136 16.46 14.07 -8.82
C GLU A 136 15.35 14.86 -9.54
N SER A 137 14.86 14.32 -10.65
CA SER A 137 13.81 14.97 -11.41
C SER A 137 12.87 13.92 -11.98
N VAL A 138 12.56 12.92 -11.15
CA VAL A 138 11.86 11.72 -11.62
C VAL A 138 10.31 11.72 -11.60
N GLY A 139 9.65 11.85 -10.44
CA GLY A 139 10.28 12.02 -9.14
C GLY A 139 9.69 11.09 -8.09
N ARG A 140 9.35 9.87 -8.50
CA ARG A 140 9.04 8.78 -7.57
C ARG A 140 9.81 7.54 -8.00
N PHE A 141 10.26 6.76 -7.03
CA PHE A 141 11.06 5.56 -7.28
C PHE A 141 10.37 4.36 -6.63
N GLU A 142 10.02 3.37 -7.45
CA GLU A 142 9.38 2.18 -6.92
C GLU A 142 10.42 1.16 -6.50
N LEU A 143 10.74 1.17 -5.20
CA LEU A 143 11.69 0.23 -4.63
C LEU A 143 10.99 -1.11 -4.45
N LYS A 144 11.61 -2.18 -4.95
CA LYS A 144 11.01 -3.51 -4.93
C LYS A 144 11.48 -4.34 -3.75
N VAL A 145 10.51 -4.88 -3.00
CA VAL A 145 10.78 -5.90 -2.02
C VAL A 145 10.34 -7.21 -2.64
N MET A 146 11.30 -8.09 -2.86
CA MET A 146 11.04 -9.35 -3.53
C MET A 146 10.82 -10.47 -2.53
N ARG A 147 9.81 -11.29 -2.80
CA ARG A 147 9.50 -12.47 -2.02
C ARG A 147 10.11 -13.70 -2.71
N TYR A 148 10.99 -14.43 -2.00
CA TYR A 148 11.67 -15.60 -2.56
C TYR A 148 11.24 -16.92 -1.89
N SER A 149 11.54 -18.04 -2.54
CA SER A 149 11.42 -19.39 -1.94
C SER A 149 10.00 -19.84 -1.54
N GLY A 150 9.01 -18.99 -1.80
CA GLY A 150 7.64 -19.31 -1.45
C GLY A 150 6.75 -18.09 -1.60
N ALA A 151 5.45 -18.34 -1.60
CA ALA A 151 4.49 -17.25 -1.59
C ALA A 151 3.36 -17.54 -0.58
N ARG A 152 3.41 -18.74 0.01
CA ARG A 152 2.37 -19.25 0.92
C ARG A 152 2.02 -18.31 2.08
N GLY A 153 0.72 -18.08 2.25
CA GLY A 153 0.19 -17.24 3.31
C GLY A 153 0.08 -15.77 2.97
N THR A 154 -0.40 -14.99 3.93
CA THR A 154 -0.49 -13.56 3.81
C THR A 154 0.51 -13.00 4.79
N VAL A 155 1.41 -12.14 4.33
CA VAL A 155 2.49 -11.63 5.19
C VAL A 155 2.60 -10.08 5.19
N ILE A 156 2.76 -9.47 6.36
CA ILE A 156 3.00 -8.01 6.46
C ILE A 156 4.50 -7.79 6.43
N VAL A 157 4.92 -6.60 6.02
CA VAL A 157 6.35 -6.28 5.87
C VAL A 157 6.66 -4.86 6.29
N PRO A 158 6.79 -4.64 7.62
CA PRO A 158 6.97 -3.26 8.08
C PRO A 158 8.01 -2.61 7.22
N TYR A 159 7.94 -1.30 7.03
CA TYR A 159 9.06 -0.61 6.43
C TYR A 159 9.10 0.85 6.85
N TRP A 160 10.25 1.46 6.60
CA TRP A 160 10.50 2.82 7.01
C TRP A 160 11.77 3.33 6.37
N THR A 161 11.91 4.65 6.34
CA THR A 161 13.02 5.26 5.66
C THR A 161 14.04 5.78 6.69
N GLU A 162 15.04 6.51 6.22
CA GLU A 162 16.11 7.02 7.08
C GLU A 162 16.95 8.06 6.36
N ASN A 163 17.54 8.97 7.13
CA ASN A 163 18.36 10.03 6.56
C ASN A 163 19.83 9.61 6.55
N ASP A 164 20.58 10.03 5.54
CA ASP A 164 22.04 9.82 5.55
C ASP A 164 22.72 11.05 4.99
N THR A 165 23.10 10.96 3.72
CA THR A 165 23.52 12.13 2.98
C THR A 165 22.26 12.90 2.65
N ALA A 166 21.11 12.28 2.92
CA ALA A 166 19.82 12.88 2.62
C ALA A 166 18.96 13.05 3.87
N THR A 167 18.07 14.05 3.82
CA THR A 167 17.19 14.35 4.94
C THR A 167 15.76 14.44 4.43
N GLU A 168 14.82 13.99 5.25
CA GLU A 168 13.43 13.98 4.85
C GLU A 168 12.92 15.39 4.55
N SER A 169 11.90 15.45 3.70
CA SER A 169 11.20 16.70 3.43
C SER A 169 12.10 17.69 2.71
N LYS A 170 13.35 17.28 2.45
CA LYS A 170 14.28 18.09 1.67
C LYS A 170 14.71 17.38 0.41
N ASP A 171 15.28 16.19 0.59
CA ASP A 171 15.78 15.37 -0.52
C ASP A 171 14.70 14.40 -1.00
N TYR A 172 13.88 13.93 -0.05
CA TYR A 172 12.79 13.00 -0.35
C TYR A 172 11.53 13.33 0.44
N GLU A 173 10.76 12.29 0.77
CA GLU A 173 9.56 12.44 1.58
C GLU A 173 9.50 11.33 2.62
N GLY A 174 9.51 11.71 3.89
CA GLY A 174 9.48 10.72 4.96
C GLY A 174 8.37 9.73 4.74
N ALA A 175 8.76 8.49 4.39
CA ALA A 175 7.81 7.42 4.06
C ALA A 175 7.82 6.26 5.06
N ARG A 176 6.64 5.86 5.53
CA ARG A 176 6.53 4.79 6.51
C ARG A 176 5.28 3.98 6.30
N GLY A 177 5.39 2.67 6.47
CA GLY A 177 4.26 1.80 6.23
C GLY A 177 4.59 0.34 6.31
N GLU A 178 3.71 -0.46 5.71
CA GLU A 178 3.84 -1.90 5.74
C GLU A 178 3.30 -2.52 4.47
N LEU A 179 4.16 -3.29 3.82
CA LEU A 179 3.79 -4.00 2.61
C LEU A 179 3.04 -5.27 2.99
N VAL A 180 1.97 -5.54 2.27
CA VAL A 180 1.14 -6.71 2.53
C VAL A 180 1.20 -7.71 1.36
N PHE A 181 2.00 -8.75 1.51
CA PHE A 181 2.13 -9.77 0.47
C PHE A 181 1.03 -10.82 0.64
N GLU A 182 0.07 -10.85 -0.29
CA GLU A 182 -1.07 -11.75 -0.19
C GLU A 182 -0.62 -13.20 -0.31
N ASN A 183 -1.47 -14.09 -0.82
CA ASN A 183 -1.01 -15.47 -0.99
C ASN A 183 0.00 -15.60 -2.11
N ASN A 184 -0.46 -15.89 -3.31
CA ASN A 184 0.47 -16.24 -4.36
C ASN A 184 1.19 -15.07 -5.02
N GLU A 185 1.33 -13.96 -4.28
CA GLU A 185 2.16 -12.84 -4.75
C GLU A 185 3.57 -12.83 -4.14
N SER A 186 4.52 -12.24 -4.86
CA SER A 186 5.91 -12.33 -4.46
C SER A 186 6.75 -11.11 -4.80
N GLU A 187 6.13 -9.99 -5.17
CA GLU A 187 6.86 -8.72 -5.26
C GLU A 187 5.98 -7.50 -5.00
N LYS A 188 6.39 -6.69 -4.02
CA LYS A 188 5.67 -5.45 -3.78
C LYS A 188 6.63 -4.26 -3.93
N PHE A 189 6.09 -3.09 -4.21
CA PHE A 189 6.93 -1.91 -4.44
C PHE A 189 6.62 -0.84 -3.42
N ILE A 190 7.58 -0.57 -2.54
CA ILE A 190 7.51 0.61 -1.69
C ILE A 190 7.45 1.78 -2.65
N ASP A 191 6.58 2.73 -2.37
CA ASP A 191 6.48 3.93 -3.19
C ASP A 191 7.40 4.98 -2.54
N LEU A 192 8.28 5.60 -3.31
CA LEU A 192 9.24 6.54 -2.73
C LEU A 192 9.30 7.87 -3.47
N PHE A 193 8.81 8.91 -2.82
CA PHE A 193 8.69 10.24 -3.43
C PHE A 193 9.88 11.13 -3.09
N ILE A 194 10.34 11.89 -4.07
CA ILE A 194 11.58 12.65 -3.95
C ILE A 194 11.57 13.92 -4.80
N TYR A 200 25.33 22.30 -11.34
CA TYR A 200 24.11 21.88 -10.67
C TYR A 200 24.34 20.62 -9.84
N GLU A 201 25.55 20.06 -9.95
CA GLU A 201 25.93 18.83 -9.24
C GLU A 201 25.45 18.77 -7.80
N LYS A 202 25.17 17.57 -7.32
CA LYS A 202 24.81 17.33 -5.93
C LYS A 202 24.21 15.93 -5.72
N ASP A 203 24.99 15.03 -5.11
CA ASP A 203 24.58 13.65 -4.88
C ASP A 203 24.42 13.26 -3.39
N VAL A 204 23.19 12.96 -2.99
CA VAL A 204 22.95 12.43 -1.65
C VAL A 204 22.16 11.13 -1.67
N SER A 205 21.93 10.58 -0.48
CA SER A 205 21.22 9.31 -0.35
C SER A 205 20.61 9.08 1.03
N PHE A 206 19.52 8.33 1.05
CA PHE A 206 18.90 7.91 2.29
C PHE A 206 18.83 6.40 2.32
N LYS A 207 18.58 5.83 3.49
CA LYS A 207 18.38 4.39 3.58
C LYS A 207 16.89 4.08 3.43
N VAL A 208 16.56 2.83 3.71
CA VAL A 208 15.19 2.35 3.72
C VAL A 208 15.29 0.88 4.10
N HIS A 209 14.52 0.51 5.12
CA HIS A 209 14.65 -0.82 5.68
C HIS A 209 13.34 -1.57 5.52
N ILE A 210 13.44 -2.89 5.54
CA ILE A 210 12.27 -3.75 5.68
C ILE A 210 12.35 -4.48 7.03
N GLY A 211 11.30 -4.36 7.83
CA GLY A 211 11.30 -4.94 9.16
C GLY A 211 11.01 -6.42 9.21
N GLU A 212 10.70 -6.92 10.41
CA GLU A 212 10.41 -8.33 10.60
C GLU A 212 9.12 -8.76 9.89
N PRO A 213 9.24 -9.51 8.78
CA PRO A 213 8.05 -10.07 8.15
C PRO A 213 7.21 -10.78 9.19
N ARG A 214 5.88 -10.70 9.07
CA ARG A 214 4.97 -11.49 9.92
C ARG A 214 3.78 -11.99 9.12
N LEU A 215 3.51 -13.28 9.27
CA LEU A 215 2.27 -13.88 8.80
C LEU A 215 1.10 -13.12 9.41
N ALA A 216 0.07 -12.88 8.60
CA ALA A 216 -1.13 -12.16 9.08
C ALA A 216 -2.24 -13.11 9.51
N PRO A 217 -3.03 -12.68 10.52
CA PRO A 217 -4.13 -13.44 11.12
C PRO A 217 -4.97 -14.24 10.10
N ASP A 218 -5.13 -13.71 8.89
CA ASP A 218 -5.97 -14.37 7.90
C ASP A 218 -5.31 -15.53 7.15
N SER A 219 -3.98 -15.59 7.13
CA SER A 219 -3.30 -16.68 6.45
C SER A 219 -3.78 -18.00 7.02
N THR A 220 -4.19 -18.93 6.15
CA THR A 220 -4.88 -20.14 6.58
C THR A 220 -4.02 -21.07 7.45
N HIS A 221 -3.03 -20.50 8.13
CA HIS A 221 -2.11 -21.27 8.93
C HIS A 221 -1.73 -20.51 10.16
N TYR A 222 -2.28 -19.31 10.29
CA TYR A 222 -1.89 -18.44 11.39
C TYR A 222 -2.45 -18.85 12.74
N PRO A 223 -3.73 -19.26 12.80
CA PRO A 223 -4.24 -19.76 14.08
C PRO A 223 -3.36 -20.87 14.64
N LYS A 224 -2.99 -21.81 13.78
CA LYS A 224 -2.20 -22.98 14.17
C LYS A 224 -0.84 -22.63 14.77
N ILE A 225 -0.21 -21.58 14.25
CA ILE A 225 1.19 -21.33 14.59
C ILE A 225 1.43 -20.76 15.98
N LYS A 226 0.72 -19.69 16.34
CA LYS A 226 0.95 -19.09 17.66
C LYS A 226 0.42 -19.94 18.83
N GLU A 227 -0.22 -21.06 18.50
CA GLU A 227 -0.71 -22.02 19.48
C GLU A 227 0.37 -23.08 19.78
N VAL A 228 1.28 -23.28 18.83
CA VAL A 228 2.41 -24.17 19.06
C VAL A 228 3.49 -23.45 19.88
N GLU A 229 3.75 -22.18 19.54
CA GLU A 229 4.74 -21.39 20.26
C GLU A 229 4.42 -21.33 21.75
N LYS A 230 3.25 -21.87 22.11
CA LYS A 230 2.87 -22.11 23.50
C LYS A 230 3.79 -23.17 24.12
N LYS A 231 4.09 -24.21 23.33
CA LYS A 231 4.92 -25.31 23.78
C LYS A 231 6.39 -24.93 23.85
N PRO A 232 7.07 -25.31 24.94
CA PRO A 232 8.52 -25.12 25.04
C PRO A 232 9.24 -25.85 23.94
N VAL A 233 10.21 -25.20 23.31
CA VAL A 233 11.08 -25.82 22.32
C VAL A 233 11.17 -27.33 22.52
N GLN A 234 11.54 -27.68 23.75
CA GLN A 234 11.63 -29.05 24.22
C GLN A 234 10.57 -29.96 23.65
N ASP A 235 9.30 -29.63 23.91
CA ASP A 235 8.19 -30.52 23.55
C ASP A 235 7.63 -30.21 22.16
N LEU A 236 8.44 -30.42 21.13
CA LEU A 236 7.99 -30.22 19.74
C LEU A 236 8.18 -31.46 18.87
N THR A 237 7.14 -31.87 18.14
CA THR A 237 7.29 -32.96 17.17
C THR A 237 8.13 -32.56 15.98
N GLU A 238 8.40 -33.54 15.12
CA GLU A 238 9.07 -33.29 13.85
C GLU A 238 8.13 -32.44 13.01
N LEU A 239 6.92 -32.94 12.81
CA LEU A 239 5.86 -32.21 12.12
C LEU A 239 5.71 -30.78 12.66
N ASP A 240 5.52 -30.67 13.97
CA ASP A 240 5.42 -29.37 14.65
C ASP A 240 6.70 -28.55 14.50
N ARG A 241 7.83 -29.24 14.49
CA ARG A 241 9.12 -28.59 14.41
C ARG A 241 9.22 -27.86 13.09
N ILE A 242 8.70 -28.51 12.04
CA ILE A 242 8.78 -27.99 10.67
C ILE A 242 7.79 -26.87 10.37
N LEU A 243 6.58 -27.02 10.89
CA LEU A 243 5.63 -25.93 10.86
C LEU A 243 6.32 -24.64 11.22
N LEU A 244 7.21 -24.71 12.20
CA LEU A 244 7.89 -23.52 12.72
C LEU A 244 9.07 -23.11 11.83
N LEU A 245 9.43 -23.98 10.90
CA LEU A 245 10.50 -23.70 9.96
C LEU A 245 9.90 -23.08 8.72
N SER A 246 8.58 -23.19 8.59
CA SER A 246 7.84 -22.63 7.46
C SER A 246 7.77 -21.12 7.52
N LYS A 247 7.66 -20.54 8.72
CA LYS A 247 7.28 -19.13 8.82
C LYS A 247 8.27 -18.11 8.22
N PRO A 248 7.76 -16.93 7.85
CA PRO A 248 8.54 -16.01 7.02
C PRO A 248 9.68 -15.35 7.76
N ARG A 249 10.59 -14.76 6.98
CA ARG A 249 11.75 -14.06 7.51
C ARG A 249 12.33 -13.15 6.43
N ASN A 250 13.11 -12.17 6.86
CA ASN A 250 13.82 -11.27 5.95
C ASN A 250 14.80 -12.05 5.12
N GLY A 251 15.97 -11.45 4.88
CA GLY A 251 17.06 -12.13 4.21
C GLY A 251 18.37 -11.37 4.32
N GLU A 252 19.24 -11.58 3.33
CA GLU A 252 20.53 -10.90 3.31
C GLU A 252 20.41 -9.39 3.07
N LEU A 253 19.32 -8.98 2.44
CA LEU A 253 19.13 -7.56 2.16
C LEU A 253 17.85 -6.98 2.78
N THR A 254 17.95 -6.56 4.04
CA THR A 254 16.81 -5.99 4.75
C THR A 254 16.93 -4.47 4.77
N THR A 255 18.11 -4.00 4.40
CA THR A 255 18.36 -2.57 4.24
C THR A 255 18.82 -2.31 2.81
N ALA A 256 18.34 -1.20 2.25
CA ALA A 256 18.83 -0.70 0.97
C ALA A 256 19.31 0.75 1.11
N TYR A 257 19.95 1.24 0.05
CA TYR A 257 20.39 2.64 -0.03
C TYR A 257 19.87 3.21 -1.35
N VAL A 258 19.45 4.47 -1.34
CA VAL A 258 19.02 5.12 -2.58
C VAL A 258 19.79 6.42 -2.80
N ARG A 259 20.74 6.38 -3.74
CA ARG A 259 21.57 7.53 -4.07
C ARG A 259 20.90 8.47 -5.09
N ILE A 260 20.89 9.77 -4.76
CA ILE A 260 20.28 10.78 -5.61
C ILE A 260 21.27 11.86 -6.06
N ARG A 261 21.82 11.66 -7.26
CA ARG A 261 22.55 12.71 -7.99
C ARG A 261 21.48 13.51 -8.76
N GLU A 262 21.90 14.28 -9.75
CA GLU A 262 21.03 15.30 -10.33
C GLU A 262 20.85 15.23 -11.84
N ILE B 10 -33.16 -5.22 27.67
CA ILE B 10 -31.76 -5.53 27.37
C ILE B 10 -30.85 -4.37 26.90
N ARG B 11 -31.33 -3.47 26.04
CA ARG B 11 -30.39 -2.61 25.32
C ARG B 11 -30.56 -1.09 25.48
N MET B 12 -29.45 -0.39 25.46
CA MET B 12 -29.44 1.08 25.44
C MET B 12 -28.63 1.57 24.26
N TYR B 13 -29.03 2.69 23.69
CA TYR B 13 -28.41 3.24 22.49
C TYR B 13 -29.01 4.61 22.16
N PHE B 14 -28.37 5.34 21.26
CA PHE B 14 -28.82 6.68 20.89
C PHE B 14 -29.88 6.66 19.81
N GLU B 15 -30.97 7.41 20.03
CA GLU B 15 -31.91 7.77 18.96
C GLU B 15 -32.27 9.24 19.10
N PRO B 16 -31.93 10.09 18.11
CA PRO B 16 -31.17 9.82 16.89
C PRO B 16 -29.66 9.85 17.05
N GLY B 17 -28.94 9.30 16.07
CA GLY B 17 -27.50 9.12 16.16
C GLY B 17 -26.66 10.12 15.39
N HIS B 18 -27.31 10.99 14.63
CA HIS B 18 -26.60 12.08 13.98
C HIS B 18 -27.18 13.47 14.25
N TYR B 19 -26.38 14.35 14.82
CA TYR B 19 -26.82 15.70 15.13
C TYR B 19 -26.00 16.74 14.40
N THR B 20 -26.56 17.28 13.32
CA THR B 20 -26.02 18.48 12.69
C THR B 20 -26.77 19.67 13.26
N VAL B 21 -26.03 20.67 13.71
CA VAL B 21 -26.60 21.68 14.59
C VAL B 21 -25.80 22.98 14.51
N MET B 22 -26.49 24.09 14.28
CA MET B 22 -25.84 25.38 14.05
C MET B 22 -24.93 25.77 15.20
N GLU B 23 -24.29 26.93 15.07
CA GLU B 23 -23.37 27.39 16.10
C GLU B 23 -24.05 28.15 17.26
N ASN B 24 -25.11 28.90 16.96
CA ASN B 24 -25.83 29.67 17.98
C ASN B 24 -27.07 28.97 18.56
N CYS B 25 -27.10 27.64 18.45
CA CYS B 25 -28.19 26.84 18.95
C CYS B 25 -28.17 26.72 20.47
N GLY B 26 -27.14 27.32 21.08
CA GLY B 26 -27.05 27.42 22.52
C GLY B 26 -26.88 26.08 23.21
N GLU B 27 -28.00 25.39 23.43
CA GLU B 27 -27.95 24.01 23.85
C GLU B 27 -28.97 23.18 23.07
N PHE B 28 -28.59 21.94 22.76
CA PHE B 28 -29.46 21.01 22.04
C PHE B 28 -29.61 19.69 22.76
N GLU B 29 -30.78 19.09 22.60
CA GLU B 29 -31.21 17.94 23.39
C GLU B 29 -30.69 16.64 22.78
N VAL B 30 -30.01 15.81 23.58
CA VAL B 30 -29.62 14.48 23.11
C VAL B 30 -30.45 13.36 23.75
N ARG B 31 -30.95 12.46 22.90
CA ARG B 31 -31.96 11.47 23.24
C ARG B 31 -31.38 10.06 23.36
N VAL B 32 -31.31 9.55 24.59
CA VAL B 32 -30.83 8.19 24.83
C VAL B 32 -31.99 7.23 25.11
N VAL B 33 -31.82 6.00 24.67
CA VAL B 33 -32.95 5.09 24.50
C VAL B 33 -32.67 3.71 25.08
N ARG B 34 -33.60 3.22 25.90
CA ARG B 34 -33.53 1.89 26.50
C ARG B 34 -34.63 0.98 25.94
N ARG B 35 -34.23 -0.08 25.25
CA ARG B 35 -35.18 -1.07 24.75
C ARG B 35 -35.20 -2.33 25.64
N GLY B 36 -36.09 -3.26 25.31
CA GLY B 36 -36.28 -4.48 26.08
C GLY B 36 -37.30 -4.36 27.21
N ASP B 37 -36.86 -4.79 28.40
CA ASP B 37 -37.70 -5.01 29.59
C ASP B 37 -38.34 -3.78 30.28
N ILE B 38 -37.52 -2.77 30.59
CA ILE B 38 -37.99 -1.55 31.26
C ILE B 38 -38.62 -1.65 32.66
N SER B 39 -38.68 -2.84 33.26
CA SER B 39 -39.30 -2.94 34.59
C SER B 39 -38.32 -2.61 35.74
N THR B 40 -37.05 -2.78 35.46
CA THR B 40 -35.97 -2.60 36.43
C THR B 40 -35.53 -1.13 36.53
N TYR B 41 -34.78 -0.76 37.57
CA TYR B 41 -34.23 0.60 37.60
C TYR B 41 -32.83 0.62 36.99
N ALA B 42 -32.67 1.35 35.89
CA ALA B 42 -31.45 1.31 35.08
C ALA B 42 -30.61 2.59 35.08
N SER B 43 -29.56 2.59 34.25
CA SER B 43 -28.73 3.77 34.01
C SER B 43 -27.59 3.51 33.01
N VAL B 44 -26.86 4.57 32.69
CA VAL B 44 -25.66 4.46 31.88
C VAL B 44 -24.99 5.81 31.95
N GLU B 45 -23.68 5.83 31.71
CA GLU B 45 -22.91 7.08 31.72
C GLU B 45 -22.67 7.60 30.31
N TYR B 46 -22.26 8.85 30.23
CA TYR B 46 -21.91 9.47 28.96
C TYR B 46 -20.82 10.55 29.10
N GLU B 47 -20.28 10.98 27.97
CA GLU B 47 -19.19 11.96 27.96
C GLU B 47 -19.00 12.55 26.58
N THR B 48 -18.53 13.80 26.54
CA THR B 48 -18.19 14.42 25.27
C THR B 48 -16.73 14.20 24.91
N GLN B 49 -16.50 13.82 23.65
CA GLN B 49 -15.17 13.57 23.14
C GLN B 49 -14.87 14.47 21.95
N ASP B 50 -13.91 15.38 22.13
CA ASP B 50 -13.48 16.28 21.07
C ASP B 50 -13.24 15.50 19.79
N GLY B 51 -13.51 16.15 18.66
CA GLY B 51 -13.14 15.60 17.37
C GLY B 51 -12.33 16.66 16.63
N THR B 52 -12.90 17.17 15.53
CA THR B 52 -12.40 18.41 14.96
C THR B 52 -12.85 19.51 15.91
N ALA B 53 -14.02 19.31 16.50
CA ALA B 53 -14.55 20.22 17.51
C ALA B 53 -13.93 19.84 18.83
N SER B 54 -13.33 20.81 19.49
CA SER B 54 -12.73 20.57 20.80
C SER B 54 -13.57 21.31 21.84
N ALA B 55 -13.62 20.77 23.05
CA ALA B 55 -14.49 21.34 24.06
C ALA B 55 -13.87 22.61 24.63
N GLY B 56 -14.68 23.40 25.33
CA GLY B 56 -14.18 24.65 25.88
C GLY B 56 -13.87 25.68 24.81
N THR B 57 -13.54 25.22 23.61
CA THR B 57 -13.35 26.11 22.48
C THR B 57 -14.59 26.04 21.60
N ASP B 58 -14.97 24.82 21.21
CA ASP B 58 -16.07 24.61 20.27
C ASP B 58 -17.36 24.18 20.96
N PHE B 59 -17.24 23.49 22.09
CA PHE B 59 -18.41 22.94 22.76
C PHE B 59 -18.07 22.52 24.19
N VAL B 60 -18.83 23.02 25.16
CA VAL B 60 -18.60 22.65 26.55
C VAL B 60 -18.73 21.14 26.76
N GLY B 61 -17.77 20.54 27.47
CA GLY B 61 -17.79 19.11 27.74
C GLY B 61 -18.79 18.73 28.82
N ARG B 62 -19.13 17.44 28.89
CA ARG B 62 -19.97 16.91 29.98
C ARG B 62 -19.86 15.42 30.20
N LYS B 63 -19.56 15.04 31.43
CA LYS B 63 -19.76 13.68 31.87
C LYS B 63 -21.14 13.60 32.45
N GLY B 64 -21.72 12.40 32.48
CA GLY B 64 -23.05 12.26 33.02
C GLY B 64 -23.57 10.84 33.09
N LEU B 65 -24.54 10.64 33.96
CA LEU B 65 -25.22 9.36 34.06
C LEU B 65 -26.69 9.53 33.69
N LEU B 66 -27.14 8.68 32.78
CA LEU B 66 -28.52 8.64 32.33
C LEU B 66 -29.30 7.61 33.13
N SER B 67 -30.23 8.10 33.94
CA SER B 67 -30.94 7.24 34.86
C SER B 67 -32.36 6.94 34.41
N PHE B 68 -32.60 5.70 34.00
CA PHE B 68 -33.89 5.28 33.51
C PHE B 68 -34.57 4.40 34.54
N PRO B 69 -35.35 5.00 35.45
CA PRO B 69 -36.18 4.26 36.40
C PRO B 69 -37.03 3.17 35.72
N PRO B 70 -38.08 2.68 36.39
CA PRO B 70 -38.99 1.76 35.69
C PRO B 70 -39.87 2.53 34.73
N GLY B 71 -40.48 1.85 33.78
CA GLY B 71 -41.40 2.51 32.87
C GLY B 71 -40.85 3.81 32.31
N VAL B 72 -39.52 3.94 32.29
CA VAL B 72 -38.88 5.03 31.58
C VAL B 72 -37.95 4.47 30.51
N ASP B 73 -38.24 4.83 29.26
CA ASP B 73 -37.59 4.21 28.11
C ASP B 73 -36.66 5.16 27.35
N GLU B 74 -36.79 6.45 27.58
CA GLU B 74 -35.92 7.43 26.92
C GLU B 74 -35.54 8.53 27.89
N GLN B 75 -34.25 8.83 27.93
CA GLN B 75 -33.74 9.91 28.77
C GLN B 75 -33.05 10.96 27.90
N ARG B 76 -33.26 12.23 28.22
CA ARG B 76 -32.68 13.32 27.44
C ARG B 76 -31.75 14.24 28.26
N PHE B 77 -30.85 14.93 27.56
CA PHE B 77 -29.96 15.89 28.18
C PHE B 77 -29.52 16.98 27.21
N ARG B 78 -28.95 18.04 27.73
CA ARG B 78 -28.55 19.18 26.91
C ARG B 78 -27.04 19.30 26.80
N ILE B 79 -26.59 19.86 25.68
CA ILE B 79 -25.16 20.13 25.47
C ILE B 79 -24.92 21.51 24.86
N GLU B 80 -24.16 22.34 25.56
CA GLU B 80 -23.99 23.73 25.13
C GLU B 80 -22.99 23.93 24.00
N VAL B 81 -23.44 24.60 22.95
CA VAL B 81 -22.62 24.88 21.78
C VAL B 81 -22.00 26.26 21.89
N ILE B 82 -20.68 26.30 21.77
CA ILE B 82 -19.90 27.54 21.92
C ILE B 82 -19.87 28.39 20.64
N ASP B 83 -20.47 29.58 20.71
CA ASP B 83 -20.45 30.48 19.56
C ASP B 83 -19.37 31.57 19.64
N ASP B 84 -18.77 31.82 18.48
CA ASP B 84 -17.85 32.92 18.31
C ASP B 84 -18.11 33.46 16.92
N ASP B 85 -17.67 34.69 16.69
CA ASP B 85 -17.75 35.35 15.38
C ASP B 85 -16.74 34.78 14.39
N VAL B 86 -16.03 33.73 14.80
CA VAL B 86 -14.80 33.31 14.12
C VAL B 86 -14.99 32.17 13.15
N PHE B 87 -14.78 32.45 11.86
CA PHE B 87 -14.87 31.43 10.84
C PHE B 87 -14.00 30.20 11.12
N GLU B 88 -14.64 29.11 11.54
CA GLU B 88 -14.05 27.78 11.51
C GLU B 88 -14.69 27.08 10.32
N GLU B 89 -14.65 25.74 10.34
CA GLU B 89 -15.41 24.94 9.37
C GLU B 89 -16.36 24.00 10.11
N ASP B 90 -17.00 23.08 9.38
CA ASP B 90 -17.90 22.13 10.01
C ASP B 90 -17.12 21.16 10.90
N GLU B 91 -17.39 21.21 12.20
CA GLU B 91 -16.61 20.45 13.15
C GLU B 91 -17.39 19.27 13.71
N CYS B 92 -16.67 18.24 14.14
CA CYS B 92 -17.26 17.05 14.74
C CYS B 92 -16.76 16.87 16.16
N PHE B 93 -17.60 16.28 17.00
CA PHE B 93 -17.15 15.65 18.24
C PHE B 93 -18.08 14.47 18.48
N TYR B 94 -18.03 13.88 19.66
CA TYR B 94 -18.80 12.67 19.89
C TYR B 94 -19.33 12.52 21.33
N ILE B 95 -20.29 11.61 21.51
CA ILE B 95 -20.69 11.20 22.84
C ILE B 95 -20.62 9.66 22.92
N ARG B 96 -20.18 9.15 24.06
CA ARG B 96 -19.83 7.72 24.21
C ARG B 96 -20.61 7.01 25.31
N LEU B 97 -21.16 5.85 24.99
CA LEU B 97 -21.89 5.05 25.96
C LEU B 97 -20.96 4.14 26.76
N PHE B 98 -20.87 4.40 28.06
CA PHE B 98 -20.11 3.54 28.95
C PHE B 98 -20.86 3.38 30.27
N ASN B 99 -20.53 2.33 31.02
CA ASN B 99 -21.13 2.07 32.33
C ASN B 99 -22.62 1.71 32.34
N PRO B 100 -23.04 0.82 31.43
CA PRO B 100 -24.44 0.40 31.39
C PRO B 100 -24.72 -0.49 32.61
N SER B 101 -25.74 -0.16 33.40
CA SER B 101 -26.02 -0.91 34.64
C SER B 101 -26.25 -2.41 34.42
N GLU B 102 -26.30 -3.17 35.52
CA GLU B 102 -26.38 -4.62 35.49
C GLU B 102 -27.47 -5.19 34.59
N GLY B 103 -28.56 -4.47 34.42
CA GLY B 103 -29.69 -5.01 33.70
C GLY B 103 -29.63 -4.97 32.18
N VAL B 104 -28.68 -4.20 31.63
CA VAL B 104 -28.77 -3.81 30.22
C VAL B 104 -27.41 -3.59 29.55
N LYS B 105 -27.38 -3.67 28.22
CA LYS B 105 -26.12 -3.54 27.48
C LYS B 105 -26.25 -2.76 26.17
N LEU B 106 -25.22 -1.97 25.88
CA LEU B 106 -25.19 -1.08 24.73
C LEU B 106 -25.34 -1.81 23.41
N ALA B 107 -25.91 -1.12 22.44
CA ALA B 107 -26.15 -1.68 21.12
C ALA B 107 -25.83 -0.69 20.01
N VAL B 108 -26.06 -1.16 18.79
CA VAL B 108 -25.94 -0.36 17.59
C VAL B 108 -27.04 0.69 17.54
N PRO B 109 -26.66 1.99 17.51
CA PRO B 109 -25.35 2.59 17.73
C PRO B 109 -25.13 3.09 19.16
N MET B 110 -23.87 3.22 19.55
CA MET B 110 -23.53 3.55 20.93
C MET B 110 -22.60 4.78 21.01
N ILE B 111 -22.30 5.37 19.86
CA ILE B 111 -21.52 6.62 19.81
C ILE B 111 -22.01 7.58 18.72
N ALA B 112 -22.22 8.83 19.11
CA ALA B 112 -22.98 9.78 18.31
C ALA B 112 -22.15 10.96 17.78
N THR B 113 -22.50 11.40 16.58
CA THR B 113 -21.75 12.45 15.90
C THR B 113 -22.50 13.78 15.92
N VAL B 114 -21.88 14.79 16.52
CA VAL B 114 -22.45 16.13 16.56
C VAL B 114 -21.69 17.07 15.63
N MET B 115 -22.10 17.13 14.36
CA MET B 115 -21.44 18.05 13.44
C MET B 115 -21.96 19.47 13.59
N ILE B 116 -21.04 20.42 13.67
CA ILE B 116 -21.41 21.82 13.85
C ILE B 116 -21.14 22.62 12.57
N LEU B 117 -22.10 23.46 12.18
CA LEU B 117 -21.93 24.28 10.99
C LEU B 117 -21.45 25.67 11.43
N ASP B 118 -21.11 26.53 10.48
CA ASP B 118 -20.56 27.84 10.83
C ASP B 118 -21.34 29.03 10.25
N ASP B 119 -22.00 29.78 11.14
CA ASP B 119 -22.70 31.00 10.77
C ASP B 119 -21.79 32.22 10.77
N ASP B 120 -20.53 32.04 10.39
CA ASP B 120 -19.57 33.15 10.44
C ASP B 120 -18.81 33.30 9.14
N HIS B 121 -19.31 32.67 8.08
CA HIS B 121 -18.75 32.87 6.75
C HIS B 121 -19.47 34.04 6.10
N ALA B 122 -19.05 34.41 4.87
CA ALA B 122 -19.37 35.74 4.30
C ALA B 122 -20.69 36.00 3.52
N GLY B 123 -21.10 35.20 2.53
CA GLY B 123 -20.39 34.08 1.96
C GLY B 123 -20.76 33.91 0.49
N ILE B 124 -21.89 33.27 0.20
CA ILE B 124 -22.25 32.97 -1.19
C ILE B 124 -23.45 33.75 -1.73
N PHE B 125 -23.25 34.43 -2.87
CA PHE B 125 -24.23 35.36 -3.42
C PHE B 125 -24.70 34.99 -4.83
N ALA B 126 -26.01 34.92 -5.02
CA ALA B 126 -26.57 34.58 -6.31
C ALA B 126 -28.06 34.87 -6.34
N PHE B 127 -28.66 34.82 -7.51
CA PHE B 127 -30.08 35.13 -7.67
C PHE B 127 -30.93 33.90 -7.37
N THR B 128 -32.24 34.02 -7.57
CA THR B 128 -33.16 32.88 -7.40
C THR B 128 -32.88 31.80 -8.44
N ASP B 129 -33.26 32.06 -9.68
CA ASP B 129 -32.88 31.22 -10.82
C ASP B 129 -31.96 32.05 -11.72
N SER B 130 -31.83 31.65 -12.98
CA SER B 130 -31.01 32.39 -13.94
C SER B 130 -31.90 32.98 -15.04
N VAL B 131 -33.21 32.84 -14.87
CA VAL B 131 -34.18 33.45 -15.78
C VAL B 131 -35.50 33.85 -15.11
N PHE B 132 -35.78 35.15 -15.18
CA PHE B 132 -37.05 35.67 -14.71
C PHE B 132 -37.78 36.28 -15.89
N GLU B 133 -39.09 36.23 -15.85
CA GLU B 133 -39.93 36.54 -17.00
C GLU B 133 -41.26 37.09 -16.54
N ILE B 134 -41.70 38.18 -17.17
CA ILE B 134 -43.02 38.72 -16.87
C ILE B 134 -43.54 39.74 -17.88
N THR B 135 -44.51 40.54 -17.42
CA THR B 135 -45.31 41.44 -18.24
C THR B 135 -44.52 42.24 -19.27
N GLU B 136 -45.22 42.97 -20.14
CA GLU B 136 -44.57 43.62 -21.27
C GLU B 136 -44.65 45.14 -21.22
N SER B 137 -44.81 45.69 -20.01
CA SER B 137 -44.96 47.14 -19.84
C SER B 137 -45.26 47.47 -18.39
N VAL B 138 -46.00 46.57 -17.74
CA VAL B 138 -46.54 46.83 -16.41
C VAL B 138 -45.60 46.48 -15.23
N GLY B 139 -45.33 47.48 -14.38
CA GLY B 139 -44.62 47.28 -13.14
C GLY B 139 -43.22 47.88 -13.04
N ARG B 140 -42.55 47.55 -11.94
CA ARG B 140 -41.12 47.77 -11.74
C ARG B 140 -40.61 46.52 -11.02
N PHE B 141 -39.44 46.01 -11.39
CA PHE B 141 -38.97 44.72 -10.90
C PHE B 141 -37.97 44.77 -9.73
N GLU B 142 -38.07 43.80 -8.82
CA GLU B 142 -37.14 43.64 -7.70
C GLU B 142 -36.36 42.34 -7.85
N LEU B 143 -35.29 42.36 -8.64
CA LEU B 143 -34.44 41.20 -8.76
C LEU B 143 -33.85 40.91 -7.39
N LYS B 144 -34.26 39.79 -6.78
CA LYS B 144 -33.67 39.39 -5.52
C LYS B 144 -32.26 38.83 -5.70
N VAL B 145 -31.32 39.42 -4.98
CA VAL B 145 -30.01 38.83 -4.78
C VAL B 145 -29.98 38.25 -3.38
N MET B 146 -29.79 36.94 -3.30
CA MET B 146 -29.84 36.21 -2.05
C MET B 146 -28.42 35.97 -1.54
N ARG B 147 -28.26 35.93 -0.22
CA ARG B 147 -26.95 35.71 0.41
C ARG B 147 -27.01 34.36 1.10
N TYR B 148 -26.05 33.49 0.80
CA TYR B 148 -26.14 32.10 1.25
C TYR B 148 -25.11 31.69 2.32
N SER B 149 -25.53 30.72 3.14
CA SER B 149 -24.76 30.09 4.24
C SER B 149 -23.64 30.90 4.83
N GLY B 150 -24.02 32.04 5.37
CA GLY B 150 -23.08 33.03 5.84
C GLY B 150 -23.66 34.42 5.64
N ALA B 151 -23.92 35.07 6.76
CA ALA B 151 -24.49 36.40 6.74
C ALA B 151 -23.64 37.33 7.59
N ARG B 152 -22.55 36.77 8.14
CA ARG B 152 -21.61 37.51 8.99
C ARG B 152 -20.83 38.55 8.19
N GLY B 153 -20.67 39.75 8.76
CA GLY B 153 -19.86 40.79 8.16
C GLY B 153 -20.66 41.70 7.24
N THR B 154 -20.06 42.83 6.85
CA THR B 154 -20.72 43.80 5.98
C THR B 154 -20.16 43.78 4.56
N VAL B 155 -21.03 43.64 3.56
CA VAL B 155 -20.59 43.37 2.18
C VAL B 155 -21.16 44.31 1.11
N ILE B 156 -20.39 44.51 0.04
CA ILE B 156 -20.80 45.37 -1.07
C ILE B 156 -20.68 44.65 -2.41
N VAL B 157 -21.77 44.65 -3.17
CA VAL B 157 -21.86 43.88 -4.41
C VAL B 157 -22.22 44.73 -5.64
N PRO B 158 -21.30 44.84 -6.61
CA PRO B 158 -21.55 45.51 -7.89
C PRO B 158 -22.56 44.78 -8.75
N TYR B 159 -23.81 45.22 -8.75
CA TYR B 159 -24.74 44.72 -9.74
C TYR B 159 -24.59 45.66 -10.93
N TRP B 160 -25.02 45.21 -12.09
CA TRP B 160 -25.10 46.09 -13.25
C TRP B 160 -25.83 45.41 -14.38
N THR B 161 -26.15 46.19 -15.40
CA THR B 161 -27.08 45.78 -16.44
C THR B 161 -26.40 45.56 -17.79
N GLU B 162 -27.01 44.70 -18.62
CA GLU B 162 -26.55 44.44 -20.00
C GLU B 162 -27.69 44.17 -20.98
N ASN B 163 -27.49 44.54 -22.24
CA ASN B 163 -28.50 44.39 -23.28
C ASN B 163 -28.37 43.08 -24.06
N ASP B 164 -29.51 42.43 -24.35
CA ASP B 164 -29.53 41.24 -25.21
C ASP B 164 -30.57 41.41 -26.31
N THR B 165 -31.77 40.87 -26.10
CA THR B 165 -32.88 41.04 -27.06
C THR B 165 -33.58 42.41 -26.86
N ALA B 166 -33.50 42.94 -25.63
CA ALA B 166 -34.06 44.26 -25.32
C ALA B 166 -32.95 45.30 -25.19
N THR B 167 -33.23 46.49 -25.70
CA THR B 167 -32.23 47.55 -25.70
C THR B 167 -32.54 48.60 -24.63
N GLU B 168 -31.49 49.18 -24.04
CA GLU B 168 -31.64 50.17 -22.98
C GLU B 168 -32.33 51.46 -23.45
N SER B 169 -33.03 52.09 -22.52
CA SER B 169 -33.71 53.38 -22.74
C SER B 169 -34.72 53.39 -23.88
N LYS B 170 -34.81 52.29 -24.62
CA LYS B 170 -35.93 52.10 -25.51
C LYS B 170 -37.11 51.53 -24.73
N ASP B 171 -36.82 50.95 -23.57
CA ASP B 171 -37.88 50.36 -22.75
C ASP B 171 -37.50 49.87 -21.34
N TYR B 172 -36.30 50.16 -20.87
CA TYR B 172 -35.94 49.86 -19.48
C TYR B 172 -34.76 50.72 -18.99
N GLU B 173 -34.84 51.22 -17.76
CA GLU B 173 -33.71 51.96 -17.22
C GLU B 173 -32.60 51.01 -16.78
N GLY B 174 -31.50 51.02 -17.54
CA GLY B 174 -30.31 50.28 -17.17
C GLY B 174 -29.77 50.77 -15.83
N ALA B 175 -29.25 49.84 -15.04
CA ALA B 175 -28.77 50.14 -13.70
C ALA B 175 -27.30 49.78 -13.47
N ARG B 176 -26.48 50.79 -13.28
CA ARG B 176 -25.13 50.62 -12.81
C ARG B 176 -25.22 50.82 -11.30
N GLY B 177 -24.72 49.87 -10.52
CA GLY B 177 -24.86 49.99 -9.07
C GLY B 177 -24.14 48.92 -8.28
N GLU B 178 -24.29 49.00 -6.95
CA GLU B 178 -23.63 48.12 -5.99
C GLU B 178 -24.61 47.91 -4.82
N LEU B 179 -24.38 46.90 -3.98
CA LEU B 179 -25.35 46.52 -2.94
C LEU B 179 -24.76 46.14 -1.57
N VAL B 180 -25.51 46.41 -0.49
CA VAL B 180 -24.98 46.30 0.87
C VAL B 180 -25.64 45.27 1.82
N PHE B 181 -24.83 44.33 2.28
CA PHE B 181 -25.23 43.31 3.25
C PHE B 181 -24.62 43.53 4.62
N GLU B 182 -25.47 43.91 5.58
CA GLU B 182 -25.06 44.07 6.97
C GLU B 182 -24.60 42.75 7.58
N ASN B 183 -24.30 42.78 8.88
CA ASN B 183 -23.72 41.63 9.55
C ASN B 183 -24.70 40.47 9.76
N ASN B 184 -25.97 40.73 9.46
CA ASN B 184 -26.94 39.66 9.48
C ASN B 184 -28.05 39.93 8.50
N GLU B 185 -27.67 40.18 7.25
CA GLU B 185 -28.65 40.46 6.21
C GLU B 185 -28.65 39.42 5.10
N SER B 186 -29.73 38.64 5.04
CA SER B 186 -29.87 37.52 4.12
C SER B 186 -30.10 37.90 2.65
N GLU B 187 -30.76 39.02 2.39
CA GLU B 187 -31.22 39.30 1.04
C GLU B 187 -31.26 40.78 0.70
N LYS B 188 -31.23 41.07 -0.60
CA LYS B 188 -31.44 42.42 -1.13
C LYS B 188 -32.10 42.29 -2.50
N PHE B 189 -32.61 43.41 -3.05
CA PHE B 189 -33.23 43.39 -4.37
C PHE B 189 -32.82 44.62 -5.17
N ILE B 190 -32.54 44.43 -6.46
CA ILE B 190 -32.30 45.55 -7.36
C ILE B 190 -33.66 46.07 -7.83
N ASP B 191 -33.93 47.36 -7.63
CA ASP B 191 -35.22 47.89 -8.04
C ASP B 191 -35.19 48.16 -9.55
N LEU B 192 -35.36 47.13 -10.35
CA LEU B 192 -35.32 47.25 -11.81
C LEU B 192 -36.59 47.85 -12.40
N PHE B 193 -36.40 48.74 -13.37
CA PHE B 193 -37.54 49.49 -13.91
C PHE B 193 -37.89 49.11 -15.34
N ILE B 194 -39.13 48.66 -15.50
CA ILE B 194 -39.66 48.23 -16.79
C ILE B 194 -40.73 49.18 -17.31
N VAL B 204 -38.59 40.31 -25.57
CA VAL B 204 -37.20 40.76 -25.44
C VAL B 204 -36.62 40.36 -24.10
N SER B 205 -35.29 40.39 -24.01
CA SER B 205 -34.59 39.83 -22.87
C SER B 205 -33.22 40.49 -22.66
N PHE B 206 -32.98 41.00 -21.44
CA PHE B 206 -31.68 41.57 -21.09
C PHE B 206 -31.01 40.80 -19.93
N LYS B 207 -29.76 41.14 -19.64
CA LYS B 207 -29.06 40.47 -18.55
C LYS B 207 -28.67 41.42 -17.42
N VAL B 208 -28.42 40.87 -16.24
CA VAL B 208 -27.95 41.65 -15.08
C VAL B 208 -27.08 40.81 -14.14
N HIS B 209 -25.84 41.26 -13.93
CA HIS B 209 -24.82 40.49 -13.21
C HIS B 209 -24.41 41.09 -11.88
N ILE B 210 -23.91 40.22 -11.02
CA ILE B 210 -23.31 40.66 -9.78
C ILE B 210 -21.82 40.38 -9.88
N GLY B 211 -21.03 41.44 -9.67
CA GLY B 211 -19.59 41.29 -9.63
C GLY B 211 -19.15 40.63 -8.33
N GLU B 212 -17.88 40.28 -8.27
CA GLU B 212 -17.34 39.67 -7.07
C GLU B 212 -17.56 40.58 -5.87
N PRO B 213 -18.00 39.99 -4.74
CA PRO B 213 -18.32 40.68 -3.50
C PRO B 213 -17.09 41.16 -2.75
N ARG B 214 -17.26 42.22 -1.98
CA ARG B 214 -16.18 42.80 -1.21
C ARG B 214 -16.57 42.93 0.26
N LEU B 215 -15.74 42.36 1.12
CA LEU B 215 -15.91 42.53 2.55
C LEU B 215 -15.52 43.95 2.93
N ALA B 216 -16.44 44.70 3.51
CA ALA B 216 -16.19 46.09 3.87
C ALA B 216 -15.35 46.21 5.13
N PRO B 217 -14.51 47.26 5.20
CA PRO B 217 -13.58 47.48 6.33
C PRO B 217 -14.31 47.87 7.62
N ASP B 218 -15.64 47.84 7.58
CA ASP B 218 -16.48 48.28 8.69
C ASP B 218 -16.88 47.16 9.68
N SER B 219 -17.31 46.00 9.18
CA SER B 219 -17.58 44.85 10.07
C SER B 219 -16.26 44.18 10.45
N THR B 220 -16.28 43.47 11.58
CA THR B 220 -15.11 43.25 12.44
C THR B 220 -13.82 42.58 11.91
N HIS B 221 -13.93 41.65 10.97
CA HIS B 221 -12.78 40.81 10.60
C HIS B 221 -11.84 41.39 9.54
N TYR B 222 -12.17 42.56 9.01
CA TYR B 222 -11.42 43.10 7.87
C TYR B 222 -9.93 43.36 8.09
N PRO B 223 -9.57 43.91 9.26
CA PRO B 223 -8.16 44.27 9.49
C PRO B 223 -7.19 43.14 9.20
N LYS B 224 -7.24 42.10 10.03
CA LYS B 224 -6.29 40.98 9.99
C LYS B 224 -6.16 40.36 8.62
N ILE B 225 -7.23 40.44 7.83
CA ILE B 225 -7.27 39.78 6.54
C ILE B 225 -6.37 40.44 5.53
N LYS B 226 -6.43 41.76 5.46
CA LYS B 226 -5.57 42.45 4.51
C LYS B 226 -4.13 42.31 5.01
N GLU B 227 -4.01 41.90 6.28
CA GLU B 227 -2.72 41.65 6.90
C GLU B 227 -2.11 40.31 6.45
N VAL B 228 -2.78 39.22 6.78
CA VAL B 228 -2.33 37.89 6.37
C VAL B 228 -2.16 37.79 4.85
N GLU B 229 -2.91 38.61 4.12
CA GLU B 229 -2.81 38.65 2.67
C GLU B 229 -1.46 39.15 2.18
N LYS B 230 -0.72 39.85 3.04
CA LYS B 230 0.60 40.36 2.68
C LYS B 230 1.60 39.21 2.50
N LYS B 231 1.39 38.14 3.27
CA LYS B 231 2.18 36.90 3.19
C LYS B 231 2.08 36.26 1.80
N PRO B 232 3.18 35.60 1.36
CA PRO B 232 3.09 34.74 0.18
C PRO B 232 2.30 33.49 0.54
N VAL B 233 1.55 32.95 -0.42
CA VAL B 233 0.68 31.80 -0.17
C VAL B 233 1.42 30.72 0.60
N GLN B 234 2.68 30.48 0.20
CA GLN B 234 3.51 29.42 0.78
C GLN B 234 3.81 29.55 2.29
N ASP B 235 3.46 30.68 2.90
CA ASP B 235 3.80 30.96 4.30
C ASP B 235 2.62 31.08 5.27
N LEU B 236 1.40 31.03 4.73
CA LEU B 236 0.21 31.16 5.57
C LEU B 236 0.14 30.07 6.64
N THR B 237 -0.33 30.47 7.82
CA THR B 237 -0.59 29.52 8.89
C THR B 237 -1.96 28.92 8.66
N GLU B 238 -2.32 27.93 9.47
CA GLU B 238 -3.56 27.20 9.23
C GLU B 238 -4.78 28.02 9.62
N LEU B 239 -4.64 28.88 10.63
CA LEU B 239 -5.73 29.79 11.03
C LEU B 239 -5.83 30.94 10.03
N ASP B 240 -4.68 31.44 9.60
CA ASP B 240 -4.60 32.38 8.48
C ASP B 240 -5.34 31.79 7.29
N ARG B 241 -5.07 30.51 7.03
CA ARG B 241 -5.72 29.76 5.97
C ARG B 241 -7.24 29.88 6.11
N ILE B 242 -7.83 29.00 6.91
CA ILE B 242 -9.28 29.03 7.14
C ILE B 242 -9.86 30.42 6.98
N LEU B 243 -9.25 31.39 7.68
CA LEU B 243 -9.65 32.79 7.59
C LEU B 243 -9.74 33.29 6.14
N LEU B 244 -8.80 32.86 5.31
CA LEU B 244 -8.80 33.24 3.90
C LEU B 244 -9.89 32.48 3.13
N LEU B 245 -10.54 31.54 3.79
CA LEU B 245 -11.62 30.79 3.17
C LEU B 245 -12.94 31.25 3.77
N SER B 246 -12.92 32.42 4.40
CA SER B 246 -14.10 32.99 5.03
C SER B 246 -14.58 34.19 4.23
N LYS B 247 -13.79 34.59 3.24
CA LYS B 247 -14.14 35.76 2.43
C LYS B 247 -15.28 35.42 1.47
N PRO B 248 -16.06 36.44 1.07
CA PRO B 248 -17.19 36.36 0.14
C PRO B 248 -16.77 36.10 -1.29
N ARG B 249 -17.57 35.34 -2.00
CA ARG B 249 -17.37 35.12 -3.43
C ARG B 249 -18.72 35.01 -4.13
N ASN B 250 -18.69 35.05 -5.46
CA ASN B 250 -19.89 34.88 -6.25
C ASN B 250 -20.41 33.44 -6.16
N GLY B 251 -21.70 33.28 -6.39
CA GLY B 251 -22.32 31.96 -6.39
C GLY B 251 -22.57 31.53 -7.82
N GLU B 252 -23.13 30.34 -8.01
CA GLU B 252 -23.48 29.86 -9.34
C GLU B 252 -24.07 30.97 -10.22
N LEU B 253 -25.24 31.47 -9.81
CA LEU B 253 -25.98 32.43 -10.63
C LEU B 253 -25.62 33.88 -10.33
N THR B 254 -24.77 34.45 -11.18
CA THR B 254 -24.34 35.82 -11.03
C THR B 254 -24.79 36.61 -12.25
N THR B 255 -25.70 36.02 -13.00
CA THR B 255 -26.28 36.65 -14.17
C THR B 255 -27.70 36.16 -14.29
N ALA B 256 -28.58 37.00 -14.82
CA ALA B 256 -29.98 36.64 -15.01
C ALA B 256 -30.61 37.36 -16.21
N TYR B 257 -31.18 36.60 -17.13
CA TYR B 257 -31.89 37.17 -18.27
C TYR B 257 -33.29 37.60 -17.83
N VAL B 258 -33.78 38.73 -18.34
CA VAL B 258 -35.13 39.21 -18.01
C VAL B 258 -35.98 39.46 -19.26
N ARG B 259 -36.97 38.59 -19.50
CA ARG B 259 -37.72 38.59 -20.76
C ARG B 259 -39.07 39.30 -20.73
N ILE B 260 -39.45 39.83 -21.89
CA ILE B 260 -40.60 40.72 -22.05
C ILE B 260 -41.28 40.48 -23.40
N ILE C 10 -47.84 25.32 -32.74
CA ILE C 10 -48.23 26.68 -32.40
C ILE C 10 -47.39 27.23 -31.25
N ARG C 11 -46.47 26.42 -30.74
CA ARG C 11 -45.60 26.79 -29.60
C ARG C 11 -44.28 26.00 -29.63
N MET C 12 -43.14 26.69 -29.48
CA MET C 12 -41.85 26.00 -29.36
C MET C 12 -41.09 26.40 -28.09
N TYR C 13 -40.21 25.53 -27.61
CA TYR C 13 -39.43 25.81 -26.41
C TYR C 13 -38.56 24.64 -25.98
N PHE C 14 -37.57 24.94 -25.14
CA PHE C 14 -36.68 23.95 -24.57
C PHE C 14 -37.39 22.97 -23.65
N GLU C 15 -37.00 21.70 -23.73
CA GLU C 15 -37.50 20.70 -22.79
C GLU C 15 -36.66 19.44 -22.88
N PRO C 16 -35.72 19.25 -21.93
CA PRO C 16 -35.36 20.10 -20.79
C PRO C 16 -34.87 21.47 -21.23
N GLY C 17 -35.23 22.49 -20.45
CA GLY C 17 -34.70 23.82 -20.67
C GLY C 17 -33.59 24.11 -19.68
N HIS C 18 -33.12 23.07 -19.01
CA HIS C 18 -32.03 23.23 -18.06
C HIS C 18 -31.09 22.02 -18.09
N TYR C 19 -29.81 22.26 -18.37
CA TYR C 19 -28.81 21.18 -18.47
C TYR C 19 -27.66 21.23 -17.45
N THR C 20 -27.13 20.06 -17.11
CA THR C 20 -25.83 19.97 -16.44
C THR C 20 -24.99 18.87 -17.08
N VAL C 21 -23.68 19.02 -17.00
CA VAL C 21 -22.81 18.22 -17.85
C VAL C 21 -21.38 18.10 -17.31
N MET C 22 -20.83 16.90 -17.34
CA MET C 22 -19.43 16.71 -16.99
C MET C 22 -18.57 17.33 -18.08
N GLU C 23 -17.60 18.15 -17.66
CA GLU C 23 -16.75 18.89 -18.58
C GLU C 23 -16.32 18.02 -19.76
N ASN C 24 -16.16 16.73 -19.50
CA ASN C 24 -15.61 15.83 -20.49
C ASN C 24 -16.65 14.91 -21.11
N CYS C 25 -17.93 15.25 -21.03
CA CYS C 25 -18.94 14.43 -21.69
C CYS C 25 -18.63 14.39 -23.18
N GLY C 26 -17.97 15.42 -23.68
CA GLY C 26 -17.62 15.49 -25.08
C GLY C 26 -18.70 16.22 -25.85
N GLU C 27 -19.91 15.65 -25.85
CA GLU C 27 -21.13 16.41 -26.21
C GLU C 27 -22.37 15.95 -25.45
N PHE C 28 -23.48 16.64 -25.69
CA PHE C 28 -24.75 16.33 -25.06
C PHE C 28 -25.93 16.80 -25.89
N GLU C 29 -27.11 16.29 -25.58
CA GLU C 29 -28.27 16.47 -26.45
C GLU C 29 -29.26 17.48 -25.88
N VAL C 30 -29.68 18.43 -26.71
CA VAL C 30 -30.61 19.45 -26.28
C VAL C 30 -31.96 19.35 -27.01
N ARG C 31 -33.05 19.54 -26.27
CA ARG C 31 -34.37 19.29 -26.79
C ARG C 31 -35.28 20.51 -26.78
N VAL C 32 -36.08 20.61 -27.84
CA VAL C 32 -37.11 21.63 -28.02
C VAL C 32 -38.43 20.94 -28.39
N VAL C 33 -39.45 21.07 -27.55
CA VAL C 33 -40.71 20.42 -27.85
C VAL C 33 -41.68 21.43 -28.47
N ARG C 34 -42.36 21.00 -29.54
CA ARG C 34 -43.35 21.82 -30.23
C ARG C 34 -44.73 21.39 -29.78
N ARG C 35 -45.63 22.37 -29.68
CA ARG C 35 -47.02 22.10 -29.33
C ARG C 35 -47.96 22.54 -30.47
N GLY C 36 -49.27 22.26 -30.32
CA GLY C 36 -50.29 22.72 -31.25
C GLY C 36 -50.04 22.57 -32.75
N ASP C 37 -50.86 21.73 -33.39
CA ASP C 37 -50.77 21.52 -34.84
C ASP C 37 -49.40 21.00 -35.27
N ILE C 38 -49.22 19.68 -35.29
CA ILE C 38 -47.98 19.09 -35.78
C ILE C 38 -48.05 18.82 -37.29
N SER C 39 -49.25 18.93 -37.85
CA SER C 39 -49.46 18.75 -39.29
C SER C 39 -48.73 19.83 -40.09
N THR C 40 -48.47 20.96 -39.41
CA THR C 40 -47.70 22.06 -39.97
C THR C 40 -46.18 21.80 -39.91
N TYR C 41 -45.45 22.34 -40.90
CA TYR C 41 -43.99 22.41 -40.83
C TYR C 41 -43.58 23.58 -39.94
N ALA C 42 -42.34 23.57 -39.47
CA ALA C 42 -41.86 24.59 -38.54
C ALA C 42 -40.35 24.69 -38.56
N SER C 43 -39.80 25.76 -37.97
CA SER C 43 -38.35 25.95 -37.91
C SER C 43 -37.92 27.05 -36.96
N VAL C 44 -37.15 26.69 -35.94
CA VAL C 44 -36.62 27.65 -34.97
C VAL C 44 -35.10 27.69 -35.04
N GLU C 45 -34.52 28.82 -34.61
CA GLU C 45 -33.07 28.96 -34.61
C GLU C 45 -32.51 29.04 -33.21
N TYR C 46 -31.30 28.52 -33.06
CA TYR C 46 -30.65 28.48 -31.78
C TYR C 46 -29.22 28.95 -31.92
N GLU C 47 -28.65 29.34 -30.79
CA GLU C 47 -27.23 29.60 -30.70
C GLU C 47 -26.85 29.74 -29.24
N THR C 48 -25.65 29.29 -28.90
CA THR C 48 -25.13 29.36 -27.55
C THR C 48 -24.90 30.81 -27.17
N GLN C 49 -24.62 31.04 -25.89
CA GLN C 49 -24.35 32.38 -25.40
C GLN C 49 -23.45 32.34 -24.17
N ASP C 50 -22.27 32.93 -24.30
CA ASP C 50 -21.29 32.93 -23.23
C ASP C 50 -21.90 33.24 -21.87
N GLY C 51 -21.62 32.37 -20.90
CA GLY C 51 -21.91 32.64 -19.50
C GLY C 51 -20.58 32.82 -18.80
N THR C 52 -20.32 32.05 -17.73
CA THR C 52 -18.98 31.99 -17.17
C THR C 52 -18.12 31.03 -18.00
N ALA C 53 -18.78 30.20 -18.81
CA ALA C 53 -18.09 29.28 -19.69
C ALA C 53 -17.90 29.88 -21.09
N SER C 54 -16.65 30.00 -21.51
CA SER C 54 -16.36 30.61 -22.80
C SER C 54 -16.50 29.61 -23.95
N ALA C 55 -17.10 30.04 -25.04
CA ALA C 55 -17.09 29.28 -26.28
C ALA C 55 -15.63 29.13 -26.64
N GLY C 56 -15.34 28.39 -27.71
CA GLY C 56 -13.96 28.21 -28.11
C GLY C 56 -13.08 27.56 -27.05
N THR C 57 -13.14 28.05 -25.81
CA THR C 57 -12.32 27.53 -24.72
C THR C 57 -13.07 26.50 -23.86
N ASP C 58 -14.19 26.92 -23.29
CA ASP C 58 -14.96 26.03 -22.42
C ASP C 58 -15.77 25.01 -23.24
N PHE C 59 -16.01 25.32 -24.51
CA PHE C 59 -16.79 24.44 -25.38
C PHE C 59 -16.75 24.93 -26.83
N VAL C 60 -17.64 24.44 -27.69
CA VAL C 60 -17.74 24.97 -29.06
C VAL C 60 -19.14 25.52 -29.36
N GLY C 61 -19.23 26.46 -30.31
CA GLY C 61 -20.46 27.18 -30.57
C GLY C 61 -21.30 26.68 -31.73
N ARG C 62 -22.48 27.27 -31.91
CA ARG C 62 -23.40 26.88 -32.99
C ARG C 62 -24.51 27.91 -33.29
N LYS C 63 -24.64 28.25 -34.58
CA LYS C 63 -25.78 28.99 -35.09
C LYS C 63 -26.67 27.97 -35.76
N GLY C 64 -27.75 27.59 -35.09
CA GLY C 64 -28.56 26.47 -35.57
C GLY C 64 -29.92 26.78 -36.16
N LEU C 65 -30.46 25.76 -36.83
CA LEU C 65 -31.76 25.86 -37.50
C LEU C 65 -32.55 24.56 -37.35
N LEU C 66 -33.37 24.48 -36.30
CA LEU C 66 -34.15 23.27 -36.00
C LEU C 66 -35.34 23.05 -36.94
N SER C 67 -35.42 21.86 -37.54
CA SER C 67 -36.47 21.53 -38.52
C SER C 67 -37.53 20.57 -37.95
N PHE C 68 -38.76 21.06 -37.82
CA PHE C 68 -39.87 20.30 -37.25
C PHE C 68 -41.02 20.08 -38.24
N PRO C 69 -40.88 19.12 -39.17
CA PRO C 69 -41.89 18.80 -40.21
C PRO C 69 -43.27 18.44 -39.65
N PRO C 70 -44.11 17.73 -40.42
CA PRO C 70 -45.33 17.20 -39.80
C PRO C 70 -45.13 15.88 -39.08
N GLY C 71 -46.00 15.59 -38.11
CA GLY C 71 -45.94 14.33 -37.37
C GLY C 71 -44.84 14.34 -36.34
N VAL C 72 -43.96 15.34 -36.44
CA VAL C 72 -42.82 15.49 -35.55
C VAL C 72 -42.98 16.66 -34.57
N ASP C 73 -42.75 16.39 -33.29
CA ASP C 73 -42.78 17.42 -32.27
C ASP C 73 -41.64 17.24 -31.29
N GLU C 74 -40.42 17.26 -31.80
CA GLU C 74 -39.24 17.23 -30.96
C GLU C 74 -37.99 17.15 -31.80
N GLN C 75 -36.95 17.86 -31.36
CA GLN C 75 -35.65 17.83 -32.02
C GLN C 75 -34.47 18.00 -31.06
N ARG C 76 -33.42 17.22 -31.32
CA ARG C 76 -32.28 17.13 -30.42
C ARG C 76 -31.03 17.52 -31.20
N PHE C 77 -30.16 18.33 -30.60
CA PHE C 77 -28.86 18.63 -31.22
C PHE C 77 -27.70 18.39 -30.25
N ARG C 78 -26.48 18.54 -30.75
CA ARG C 78 -25.32 18.25 -29.94
C ARG C 78 -24.48 19.51 -29.69
N ILE C 79 -23.80 19.56 -28.54
CA ILE C 79 -22.83 20.61 -28.27
C ILE C 79 -21.52 20.02 -27.75
N GLU C 80 -20.41 20.33 -28.42
CA GLU C 80 -19.11 19.91 -27.93
C GLU C 80 -18.74 20.65 -26.65
N VAL C 81 -18.82 19.93 -25.54
CA VAL C 81 -18.30 20.38 -24.26
C VAL C 81 -16.82 20.04 -24.22
N ILE C 82 -16.00 21.04 -24.51
CA ILE C 82 -14.56 20.90 -24.61
C ILE C 82 -13.89 20.60 -23.28
N ASP C 83 -13.34 19.39 -23.16
CA ASP C 83 -12.61 19.01 -21.96
C ASP C 83 -11.18 19.55 -22.00
N ASP C 84 -10.67 19.92 -20.82
CA ASP C 84 -9.26 20.22 -20.68
C ASP C 84 -8.69 19.61 -19.39
N ASP C 85 -7.49 20.03 -19.04
CA ASP C 85 -6.80 19.51 -17.88
C ASP C 85 -7.23 20.20 -16.60
N VAL C 86 -7.32 21.53 -16.65
CA VAL C 86 -7.18 22.36 -15.45
C VAL C 86 -8.43 22.64 -14.64
N PHE C 87 -8.25 22.67 -13.31
CA PHE C 87 -9.36 22.88 -12.40
C PHE C 87 -10.01 24.26 -12.51
N GLU C 88 -11.28 24.26 -12.89
CA GLU C 88 -12.04 25.48 -13.01
C GLU C 88 -13.27 25.41 -12.11
N GLU C 89 -13.84 26.57 -11.81
CA GLU C 89 -15.10 26.63 -11.09
C GLU C 89 -16.19 26.15 -12.05
N ASP C 90 -17.39 25.95 -11.54
CA ASP C 90 -18.52 25.58 -12.39
C ASP C 90 -18.89 26.75 -13.28
N GLU C 91 -19.20 26.46 -14.54
CA GLU C 91 -19.41 27.53 -15.52
C GLU C 91 -20.71 27.30 -16.31
N CYS C 92 -21.68 28.22 -16.16
CA CYS C 92 -22.96 28.16 -16.88
C CYS C 92 -22.86 28.83 -18.25
N PHE C 93 -23.42 28.22 -19.28
CA PHE C 93 -23.73 28.95 -20.52
C PHE C 93 -25.22 28.78 -20.89
N TYR C 94 -25.62 29.21 -22.07
CA TYR C 94 -27.05 29.35 -22.37
C TYR C 94 -27.37 29.00 -23.83
N ILE C 95 -28.59 28.54 -24.12
CA ILE C 95 -29.00 28.29 -25.51
C ILE C 95 -30.26 29.07 -25.95
N ARG C 96 -30.09 29.95 -26.94
CA ARG C 96 -31.12 30.92 -27.27
C ARG C 96 -31.92 30.51 -28.50
N LEU C 97 -33.24 30.37 -28.30
CA LEU C 97 -34.13 30.03 -29.38
C LEU C 97 -34.49 31.33 -30.08
N PHE C 98 -34.68 31.26 -31.39
CA PHE C 98 -35.08 32.46 -32.14
C PHE C 98 -35.47 32.16 -33.59
N ASN C 99 -36.30 33.03 -34.16
CA ASN C 99 -36.78 32.89 -35.55
C ASN C 99 -37.91 31.87 -35.73
N PRO C 100 -38.89 31.87 -34.81
CA PRO C 100 -39.96 30.86 -34.93
C PRO C 100 -40.55 30.93 -36.32
N SER C 101 -40.74 29.79 -36.96
CA SER C 101 -41.39 29.77 -38.27
C SER C 101 -42.71 30.52 -38.20
N GLU C 102 -43.16 31.01 -39.35
CA GLU C 102 -44.44 31.71 -39.44
C GLU C 102 -45.58 30.99 -38.71
N GLY C 103 -46.41 31.75 -37.99
CA GLY C 103 -47.50 31.21 -37.21
C GLY C 103 -47.17 30.87 -35.77
N VAL C 104 -46.01 30.25 -35.56
CA VAL C 104 -45.60 29.72 -34.25
C VAL C 104 -44.71 30.70 -33.48
N LYS C 105 -44.35 30.32 -32.25
CA LYS C 105 -43.55 31.19 -31.38
C LYS C 105 -43.03 30.50 -30.10
N LEU C 106 -42.12 31.19 -29.40
CA LEU C 106 -41.41 30.60 -28.26
C LEU C 106 -42.16 30.69 -26.93
N ALA C 107 -41.72 29.87 -25.99
CA ALA C 107 -42.29 29.83 -24.64
C ALA C 107 -41.22 29.40 -23.62
N VAL C 108 -41.66 29.06 -22.42
CA VAL C 108 -40.73 28.63 -21.40
C VAL C 108 -40.61 27.11 -21.38
N PRO C 109 -39.36 26.61 -21.33
CA PRO C 109 -38.13 27.40 -21.38
C PRO C 109 -37.82 27.87 -22.81
N MET C 110 -37.42 29.13 -22.93
CA MET C 110 -37.07 29.70 -24.22
C MET C 110 -35.55 29.79 -24.40
N ILE C 111 -34.83 29.87 -23.28
CA ILE C 111 -33.37 29.81 -23.31
C ILE C 111 -32.85 28.72 -22.38
N ALA C 112 -32.08 27.81 -22.95
CA ALA C 112 -31.56 26.69 -22.19
C ALA C 112 -30.31 27.12 -21.43
N THR C 113 -30.17 26.57 -20.23
CA THR C 113 -29.14 27.02 -19.29
C THR C 113 -28.26 25.86 -18.92
N VAL C 114 -27.12 25.73 -19.60
CA VAL C 114 -26.19 24.65 -19.33
C VAL C 114 -25.18 25.04 -18.25
N MET C 115 -24.68 24.03 -17.54
CA MET C 115 -23.67 24.23 -16.50
C MET C 115 -22.61 23.14 -16.58
N ILE C 116 -21.34 23.54 -16.58
CA ILE C 116 -20.23 22.59 -16.74
C ILE C 116 -19.47 22.30 -15.46
N LEU C 117 -19.88 21.26 -14.77
CA LEU C 117 -19.13 20.75 -13.65
C LEU C 117 -17.78 20.32 -14.18
N ASP C 118 -16.74 20.91 -13.62
CA ASP C 118 -15.39 20.58 -14.00
C ASP C 118 -14.88 19.42 -13.16
N ASP C 119 -14.27 18.45 -13.80
CA ASP C 119 -13.85 17.24 -13.11
C ASP C 119 -12.35 17.25 -12.89
N ASP C 120 -11.81 18.36 -12.38
CA ASP C 120 -10.35 18.48 -12.26
C ASP C 120 -9.86 18.87 -10.85
N HIS C 121 -10.67 18.58 -9.84
CA HIS C 121 -10.20 18.73 -8.48
C HIS C 121 -9.34 17.52 -8.11
N ALA C 122 -8.98 17.39 -6.84
CA ALA C 122 -7.88 16.52 -6.46
C ALA C 122 -8.13 15.16 -5.78
N GLY C 123 -9.18 14.99 -4.98
CA GLY C 123 -10.25 15.95 -4.75
C GLY C 123 -10.56 16.14 -3.28
N ILE C 124 -11.51 15.37 -2.73
CA ILE C 124 -11.94 15.56 -1.34
C ILE C 124 -12.03 14.24 -0.60
N PHE C 125 -11.13 14.02 0.35
CA PHE C 125 -10.92 12.68 0.93
C PHE C 125 -11.56 12.40 2.29
N ALA C 126 -12.47 11.43 2.32
CA ALA C 126 -13.16 11.10 3.55
C ALA C 126 -13.46 9.61 3.64
N PHE C 127 -14.06 9.20 4.74
CA PHE C 127 -14.49 7.82 4.90
C PHE C 127 -15.92 7.61 4.35
N THR C 128 -16.24 6.36 4.06
CA THR C 128 -17.59 5.97 3.62
C THR C 128 -18.61 6.46 4.63
N ASP C 129 -18.36 6.14 5.90
CA ASP C 129 -19.23 6.53 7.00
C ASP C 129 -18.34 7.08 8.13
N SER C 130 -18.80 6.96 9.38
CA SER C 130 -17.96 7.34 10.51
C SER C 130 -18.06 6.36 11.69
N VAL C 131 -18.76 5.23 11.48
CA VAL C 131 -18.69 4.05 12.35
C VAL C 131 -18.90 2.76 11.55
N PHE C 132 -18.05 1.77 11.82
CA PHE C 132 -18.14 0.52 11.11
C PHE C 132 -18.12 -0.63 12.12
N GLU C 133 -19.20 -1.41 12.15
CA GLU C 133 -19.30 -2.54 13.08
C GLU C 133 -18.70 -3.79 12.43
N ILE C 134 -18.00 -4.59 13.24
CA ILE C 134 -17.33 -5.78 12.71
C ILE C 134 -17.23 -6.89 13.75
N THR C 135 -17.22 -8.15 13.31
CA THR C 135 -16.92 -9.25 14.24
C THR C 135 -15.39 -9.42 14.42
N GLU C 136 -14.92 -9.74 15.62
CA GLU C 136 -13.49 -9.87 15.86
C GLU C 136 -12.91 -11.07 15.12
N SER C 137 -13.77 -11.99 14.72
CA SER C 137 -13.32 -13.18 13.99
C SER C 137 -13.04 -12.83 12.52
N VAL C 138 -13.10 -11.54 12.18
CA VAL C 138 -12.95 -11.09 10.80
C VAL C 138 -11.49 -11.15 10.30
N GLY C 139 -10.54 -10.96 11.19
CA GLY C 139 -9.13 -11.09 10.87
C GLY C 139 -8.56 -10.11 9.86
N ARG C 140 -9.41 -9.62 8.96
CA ARG C 140 -9.01 -8.64 7.94
C ARG C 140 -10.21 -7.74 7.61
N PHE C 141 -10.09 -6.44 7.86
CA PHE C 141 -11.14 -5.49 7.51
C PHE C 141 -10.54 -4.24 6.87
N GLU C 142 -10.83 -4.04 5.58
CA GLU C 142 -10.29 -2.90 4.85
C GLU C 142 -11.22 -1.70 4.98
N LEU C 143 -10.65 -0.56 5.29
CA LEU C 143 -11.43 0.64 5.53
C LEU C 143 -11.31 1.60 4.36
N LYS C 144 -12.32 1.61 3.50
CA LYS C 144 -12.31 2.41 2.28
C LYS C 144 -12.10 3.93 2.51
N VAL C 145 -11.01 4.48 1.99
CA VAL C 145 -10.84 5.93 1.90
C VAL C 145 -11.39 6.43 0.56
N MET C 146 -12.27 7.44 0.62
CA MET C 146 -12.96 7.91 -0.57
C MET C 146 -12.43 9.25 -1.03
N ARG C 147 -12.35 9.42 -2.34
CA ARG C 147 -11.86 10.65 -2.95
C ARG C 147 -12.97 11.33 -3.72
N TYR C 148 -13.51 12.41 -3.16
CA TYR C 148 -14.78 12.95 -3.62
C TYR C 148 -14.64 14.01 -4.72
N SER C 149 -15.71 14.09 -5.51
CA SER C 149 -15.77 14.58 -6.89
C SER C 149 -14.68 15.48 -7.49
N GLY C 150 -13.43 15.08 -7.26
CA GLY C 150 -12.29 15.49 -8.04
C GLY C 150 -11.40 14.26 -8.11
N ALA C 151 -10.56 14.16 -9.13
CA ALA C 151 -9.64 13.04 -9.11
C ALA C 151 -8.48 13.33 -10.03
N ARG C 152 -7.85 14.48 -9.78
CA ARG C 152 -6.75 14.98 -10.60
C ARG C 152 -5.40 14.82 -9.87
N GLY C 153 -4.51 14.02 -10.45
CA GLY C 153 -3.15 13.87 -9.96
C GLY C 153 -2.86 12.69 -9.03
N THR C 154 -1.60 12.56 -8.65
CA THR C 154 -1.19 11.55 -7.69
C THR C 154 -1.24 12.17 -6.33
N VAL C 155 -2.00 11.57 -5.42
CA VAL C 155 -2.16 12.17 -4.11
C VAL C 155 -1.66 11.24 -2.99
N ILE C 156 -0.73 11.73 -2.17
CA ILE C 156 -0.29 10.97 -1.01
C ILE C 156 -1.28 11.22 0.11
N VAL C 157 -1.59 10.16 0.86
CA VAL C 157 -2.61 10.23 1.88
C VAL C 157 -2.15 9.53 3.15
N PRO C 158 -1.82 10.32 4.18
CA PRO C 158 -1.40 9.80 5.48
C PRO C 158 -2.57 9.15 6.24
N TYR C 159 -2.38 7.90 6.66
CA TYR C 159 -3.36 7.17 7.46
C TYR C 159 -2.67 6.50 8.64
N TRP C 160 -3.07 6.86 9.85
CA TRP C 160 -2.45 6.28 11.03
C TRP C 160 -3.49 5.70 11.98
N THR C 161 -3.05 4.84 12.90
CA THR C 161 -3.99 4.19 13.81
C THR C 161 -3.71 4.46 15.29
N GLU C 162 -4.75 4.92 15.99
CA GLU C 162 -4.64 5.37 17.38
C GLU C 162 -5.41 4.45 18.33
N ASN C 163 -4.86 4.23 19.51
CA ASN C 163 -5.52 3.39 20.51
C ASN C 163 -6.83 4.02 21.01
N ASP C 164 -7.77 3.16 21.38
CA ASP C 164 -9.01 3.64 21.98
C ASP C 164 -9.43 2.69 23.09
N THR C 165 -10.67 2.21 23.03
CA THR C 165 -11.13 1.24 24.00
C THR C 165 -10.51 -0.10 23.65
N ALA C 166 -10.39 -0.38 22.37
CA ALA C 166 -9.64 -1.55 21.93
C ALA C 166 -8.16 -1.21 22.02
N THR C 167 -7.35 -2.20 22.29
CA THR C 167 -5.93 -1.96 22.51
C THR C 167 -5.02 -2.50 21.40
N GLU C 168 -3.99 -1.70 21.07
CA GLU C 168 -3.06 -1.95 19.98
C GLU C 168 -2.22 -3.21 20.14
N SER C 169 -2.63 -4.07 21.07
CA SER C 169 -1.97 -5.35 21.27
C SER C 169 -2.90 -6.22 22.08
N LYS C 170 -4.05 -6.54 21.49
CA LYS C 170 -5.07 -7.38 22.12
C LYS C 170 -6.26 -7.50 21.19
N ASP C 171 -6.63 -6.38 20.58
CA ASP C 171 -7.82 -6.33 19.71
C ASP C 171 -7.51 -5.98 18.23
N TYR C 172 -6.69 -4.95 18.01
CA TYR C 172 -6.37 -4.48 16.66
C TYR C 172 -4.88 -4.24 16.46
N GLU C 173 -4.42 -4.35 15.21
CA GLU C 173 -3.01 -4.07 14.87
C GLU C 173 -2.82 -2.63 14.40
N GLY C 174 -1.58 -2.15 14.50
CA GLY C 174 -1.27 -0.79 14.08
C GLY C 174 -1.47 -0.60 12.59
N ALA C 175 -1.63 0.65 12.18
CA ALA C 175 -1.67 1.02 10.77
C ALA C 175 -1.22 2.46 10.56
N ARG C 176 0.07 2.64 10.34
CA ARG C 176 0.55 3.90 9.79
C ARG C 176 0.84 3.61 8.33
N GLY C 177 1.00 4.68 7.56
CA GLY C 177 1.31 4.56 6.15
C GLY C 177 0.99 5.86 5.44
N GLU C 178 0.87 5.76 4.12
CA GLU C 178 0.44 6.88 3.28
C GLU C 178 -0.07 6.36 1.95
N LEU C 179 -1.39 6.23 1.81
CA LEU C 179 -2.00 5.79 0.56
C LEU C 179 -1.51 6.65 -0.60
N VAL C 180 -1.62 6.13 -1.82
CA VAL C 180 -1.27 6.93 -3.00
C VAL C 180 -2.31 6.79 -4.11
N PHE C 181 -3.16 7.79 -4.25
CA PHE C 181 -4.19 7.82 -5.28
C PHE C 181 -3.55 8.26 -6.59
N GLU C 182 -3.88 7.55 -7.66
CA GLU C 182 -3.36 7.93 -8.96
C GLU C 182 -4.34 8.79 -9.72
N ASN C 183 -3.88 9.38 -10.82
CA ASN C 183 -4.64 10.39 -11.56
C ASN C 183 -6.12 10.08 -11.87
N ASN C 184 -6.52 8.81 -11.84
CA ASN C 184 -7.95 8.56 -12.08
C ASN C 184 -8.58 7.55 -11.12
N GLU C 185 -7.88 7.33 -10.01
CA GLU C 185 -8.32 6.49 -8.92
C GLU C 185 -9.10 7.33 -7.91
N SER C 186 -10.20 6.78 -7.43
CA SER C 186 -11.11 7.57 -6.61
C SER C 186 -11.20 7.06 -5.17
N GLU C 187 -10.62 5.89 -4.92
CA GLU C 187 -10.86 5.21 -3.66
C GLU C 187 -9.84 4.11 -3.43
N LYS C 188 -8.97 4.31 -2.45
CA LYS C 188 -8.05 3.26 -2.05
C LYS C 188 -8.64 2.56 -0.84
N PHE C 189 -7.88 1.61 -0.29
CA PHE C 189 -8.31 0.91 0.92
C PHE C 189 -7.22 0.86 1.97
N ILE C 190 -7.60 0.47 3.18
CA ILE C 190 -6.70 0.42 4.33
C ILE C 190 -6.91 -0.91 5.04
N ASP C 191 -5.93 -1.81 4.95
CA ASP C 191 -6.08 -3.14 5.56
C ASP C 191 -5.89 -3.01 7.06
N LEU C 192 -6.89 -3.48 7.81
CA LEU C 192 -6.81 -3.54 9.25
C LEU C 192 -6.98 -5.00 9.60
N PHE C 193 -6.20 -5.47 10.58
CA PHE C 193 -6.22 -6.88 10.92
C PHE C 193 -6.72 -7.13 12.35
N ILE C 194 -7.68 -8.04 12.49
CA ILE C 194 -8.47 -8.15 13.71
C ILE C 194 -8.21 -9.44 14.51
N LEU C 195 -7.54 -9.25 15.65
CA LEU C 195 -7.12 -10.32 16.55
C LEU C 195 -8.33 -11.09 17.11
N GLU C 196 -8.22 -12.41 17.14
CA GLU C 196 -9.32 -13.21 17.64
C GLU C 196 -8.94 -13.91 18.93
N GLU C 197 -8.92 -13.17 20.03
CA GLU C 197 -9.11 -13.78 21.34
C GLU C 197 -10.60 -14.08 21.43
N SER C 198 -10.98 -15.31 21.72
CA SER C 198 -12.36 -15.68 21.42
C SER C 198 -13.34 -15.56 22.57
N SER C 199 -14.13 -14.49 22.55
CA SER C 199 -15.08 -14.17 23.62
C SER C 199 -16.52 -14.52 23.28
N VAL C 204 -15.20 -2.23 23.11
CA VAL C 204 -13.91 -1.77 22.58
C VAL C 204 -14.03 -1.15 21.20
N SER C 205 -12.89 -0.71 20.67
CA SER C 205 -12.84 -0.02 19.39
C SER C 205 -11.61 0.85 19.33
N PHE C 206 -11.23 1.22 18.11
CA PHE C 206 -10.21 2.23 17.90
C PHE C 206 -10.73 3.32 16.94
N LYS C 207 -10.06 4.47 16.93
CA LYS C 207 -10.29 5.48 15.91
C LYS C 207 -9.15 5.32 14.88
N VAL C 208 -9.42 5.65 13.61
CA VAL C 208 -8.41 5.60 12.56
C VAL C 208 -8.50 6.86 11.72
N HIS C 209 -7.38 7.53 11.51
CA HIS C 209 -7.43 8.89 10.99
C HIS C 209 -6.72 9.09 9.66
N ILE C 210 -7.27 9.96 8.82
CA ILE C 210 -6.55 10.41 7.62
C ILE C 210 -5.95 11.79 7.89
N GLY C 211 -4.63 11.90 7.73
CA GLY C 211 -3.94 13.17 7.83
C GLY C 211 -4.32 13.98 6.61
N GLU C 212 -3.66 15.11 6.37
CA GLU C 212 -4.05 15.90 5.22
C GLU C 212 -3.64 15.20 3.93
N PRO C 213 -4.42 15.39 2.86
CA PRO C 213 -3.98 14.89 1.57
C PRO C 213 -2.92 15.83 1.07
N ARG C 214 -1.86 15.28 0.47
CA ARG C 214 -0.81 16.07 -0.16
C ARG C 214 -0.70 15.63 -1.63
N LEU C 215 -0.68 16.60 -2.52
CA LEU C 215 -0.33 16.33 -3.89
C LEU C 215 1.06 15.71 -3.91
N ALA C 216 1.31 14.81 -4.86
CA ALA C 216 2.61 14.15 -4.98
C ALA C 216 3.64 14.96 -5.78
N PRO C 217 4.92 14.85 -5.42
CA PRO C 217 6.06 15.56 -6.02
C PRO C 217 6.13 15.43 -7.54
N ASP C 218 5.53 14.37 -8.08
CA ASP C 218 5.63 14.10 -9.52
C ASP C 218 4.33 14.35 -10.29
N SER C 219 3.30 14.80 -9.57
CA SER C 219 2.07 15.23 -10.23
C SER C 219 2.34 16.44 -11.13
N THR C 220 1.29 16.93 -11.78
CA THR C 220 1.41 17.89 -12.87
C THR C 220 1.43 19.37 -12.47
N HIS C 221 0.35 19.85 -11.87
CA HIS C 221 0.25 21.26 -11.54
C HIS C 221 1.20 21.64 -10.40
N TYR C 222 1.76 20.61 -9.77
CA TYR C 222 2.65 20.75 -8.61
C TYR C 222 3.76 21.81 -8.74
N PRO C 223 4.69 21.64 -9.70
CA PRO C 223 5.81 22.58 -9.80
C PRO C 223 5.25 23.98 -9.94
N LYS C 224 4.33 24.10 -10.89
CA LYS C 224 3.76 25.38 -11.29
C LYS C 224 2.74 25.86 -10.27
N ILE C 225 2.48 25.02 -9.28
CA ILE C 225 1.66 25.42 -8.14
C ILE C 225 2.56 25.90 -7.02
N LYS C 226 3.72 25.29 -6.91
CA LYS C 226 4.75 25.78 -6.02
C LYS C 226 5.18 27.17 -6.51
N GLU C 227 5.26 27.32 -7.81
CA GLU C 227 5.58 28.58 -8.47
C GLU C 227 4.69 29.72 -8.00
N VAL C 228 3.39 29.51 -8.08
CA VAL C 228 2.45 30.56 -7.70
C VAL C 228 2.35 30.67 -6.19
N GLU C 229 2.56 29.56 -5.49
CA GLU C 229 2.51 29.60 -4.04
C GLU C 229 3.67 30.38 -3.48
N LYS C 230 4.61 30.72 -4.36
CA LYS C 230 5.73 31.58 -3.98
C LYS C 230 5.30 33.04 -3.93
N LYS C 231 4.08 33.31 -4.41
CA LYS C 231 3.60 34.69 -4.52
C LYS C 231 2.78 35.11 -3.30
N PRO C 232 2.85 36.41 -2.94
CA PRO C 232 2.03 36.94 -1.86
C PRO C 232 0.57 36.78 -2.26
N VAL C 233 -0.31 36.55 -1.30
CA VAL C 233 -1.72 36.34 -1.61
C VAL C 233 -2.25 37.52 -2.43
N GLN C 234 -1.96 38.73 -1.98
CA GLN C 234 -2.31 39.97 -2.67
C GLN C 234 -2.03 39.98 -4.18
N ASP C 235 -0.96 39.32 -4.62
CA ASP C 235 -0.58 39.38 -6.04
C ASP C 235 -1.09 38.18 -6.84
N LEU C 236 -1.58 37.18 -6.12
CA LEU C 236 -2.23 36.04 -6.75
C LEU C 236 -3.29 36.51 -7.74
N THR C 237 -2.92 36.57 -9.02
CA THR C 237 -3.89 36.96 -10.03
C THR C 237 -5.13 36.10 -9.91
N GLU C 238 -6.16 36.45 -10.67
CA GLU C 238 -7.43 35.75 -10.61
C GLU C 238 -7.23 34.24 -10.81
N LEU C 239 -6.56 33.87 -11.89
CA LEU C 239 -6.29 32.47 -12.17
C LEU C 239 -5.45 31.82 -11.07
N ASP C 240 -4.63 32.62 -10.39
CA ASP C 240 -3.78 32.13 -9.31
C ASP C 240 -4.62 31.51 -8.21
N ARG C 241 -5.54 32.30 -7.67
CA ARG C 241 -6.40 31.83 -6.60
C ARG C 241 -6.98 30.47 -6.93
N ILE C 242 -7.70 30.41 -8.04
CA ILE C 242 -8.43 29.21 -8.44
C ILE C 242 -7.57 27.95 -8.52
N LEU C 243 -6.54 28.01 -9.34
CA LEU C 243 -5.58 26.93 -9.48
C LEU C 243 -5.37 26.31 -8.12
N LEU C 244 -4.93 27.14 -7.17
CA LEU C 244 -4.58 26.67 -5.83
C LEU C 244 -5.72 25.90 -5.15
N LEU C 245 -6.97 26.23 -5.50
CA LEU C 245 -8.13 25.51 -4.99
C LEU C 245 -8.38 24.23 -5.78
N SER C 246 -7.32 23.73 -6.42
CA SER C 246 -7.37 22.44 -7.08
C SER C 246 -6.62 21.41 -6.24
N LYS C 247 -6.15 21.85 -5.06
CA LYS C 247 -5.44 20.96 -4.14
C LYS C 247 -6.42 20.16 -3.25
N PRO C 248 -6.09 18.88 -2.98
CA PRO C 248 -7.01 17.95 -2.29
C PRO C 248 -7.37 18.37 -0.86
N ARG C 249 -8.66 18.31 -0.55
CA ARG C 249 -9.14 18.57 0.80
C ARG C 249 -9.43 17.24 1.49
N ASN C 250 -9.53 17.28 2.82
CA ASN C 250 -10.09 16.15 3.57
C ASN C 250 -11.62 16.32 3.62
N GLY C 251 -12.34 15.21 3.50
CA GLY C 251 -13.79 15.26 3.57
C GLY C 251 -14.24 15.41 4.99
N GLU C 252 -15.55 15.38 5.22
CA GLU C 252 -16.08 15.63 6.56
C GLU C 252 -15.98 14.42 7.50
N LEU C 253 -15.59 13.28 6.96
CA LEU C 253 -15.44 12.11 7.80
C LEU C 253 -13.98 11.71 7.89
N THR C 254 -13.18 12.48 8.62
CA THR C 254 -11.73 12.26 8.65
C THR C 254 -11.29 11.38 9.82
N THR C 255 -12.26 11.01 10.65
CA THR C 255 -12.02 10.00 11.66
C THR C 255 -13.14 8.98 11.54
N ALA C 256 -12.80 7.72 11.78
CA ALA C 256 -13.76 6.63 11.77
C ALA C 256 -13.51 5.70 12.94
N TYR C 257 -14.43 5.66 13.89
CA TYR C 257 -14.38 4.64 14.94
C TYR C 257 -14.72 3.27 14.33
N VAL C 258 -13.94 2.25 14.69
CA VAL C 258 -14.22 0.88 14.26
C VAL C 258 -14.58 0.05 15.48
N ARG C 259 -15.78 -0.53 15.50
CA ARG C 259 -16.25 -1.29 16.67
C ARG C 259 -16.46 -2.80 16.38
N ILE C 260 -16.24 -3.63 17.40
CA ILE C 260 -16.11 -5.08 17.27
C ILE C 260 -17.24 -5.95 17.88
N ARG C 261 -18.43 -5.94 17.27
CA ARG C 261 -19.53 -6.85 17.67
C ARG C 261 -19.13 -8.33 17.45
N ILE D 10 39.72 12.34 -12.39
CA ILE D 10 38.31 12.71 -12.52
C ILE D 10 37.44 12.17 -11.38
N ARG D 11 37.42 10.84 -11.19
CA ARG D 11 36.49 10.24 -10.22
C ARG D 11 37.04 9.04 -9.42
N MET D 12 36.34 8.69 -8.33
CA MET D 12 36.79 7.61 -7.45
C MET D 12 35.68 6.65 -7.02
N TYR D 13 36.05 5.40 -6.79
CA TYR D 13 35.08 4.41 -6.34
C TYR D 13 35.72 3.18 -5.70
N PHE D 14 34.89 2.31 -5.13
CA PHE D 14 35.37 1.04 -4.64
C PHE D 14 35.60 0.13 -5.81
N GLU D 15 36.53 -0.81 -5.68
CA GLU D 15 36.71 -1.88 -6.66
C GLU D 15 37.57 -2.98 -6.07
N PRO D 16 36.95 -4.13 -5.73
CA PRO D 16 35.50 -4.40 -5.82
C PRO D 16 34.66 -3.56 -4.87
N GLY D 17 33.41 -3.30 -5.24
CA GLY D 17 32.50 -2.59 -4.37
C GLY D 17 31.76 -3.60 -3.51
N HIS D 18 32.21 -4.85 -3.60
CA HIS D 18 31.59 -5.95 -2.85
C HIS D 18 32.56 -6.98 -2.26
N TYR D 19 32.39 -7.25 -0.96
CA TYR D 19 33.30 -8.14 -0.25
C TYR D 19 32.53 -9.22 0.50
N THR D 20 33.10 -10.42 0.53
CA THR D 20 32.61 -11.53 1.35
C THR D 20 33.74 -12.06 2.24
N VAL D 21 33.38 -12.52 3.43
CA VAL D 21 34.37 -12.80 4.44
C VAL D 21 33.96 -13.90 5.42
N MET D 22 34.91 -14.73 5.83
CA MET D 22 34.66 -15.70 6.89
C MET D 22 34.89 -14.98 8.20
N GLU D 23 33.97 -15.10 9.15
CA GLU D 23 34.11 -14.35 10.40
C GLU D 23 35.36 -14.75 11.17
N ASN D 24 36.05 -15.76 10.65
CA ASN D 24 37.22 -16.33 11.32
C ASN D 24 38.53 -15.90 10.67
N CYS D 25 38.43 -15.06 9.65
CA CYS D 25 39.59 -14.64 8.87
C CYS D 25 40.43 -13.55 9.55
N GLY D 26 39.79 -12.72 10.37
CA GLY D 26 40.51 -11.70 11.13
C GLY D 26 40.61 -10.35 10.44
N GLU D 27 40.89 -10.37 9.13
CA GLU D 27 40.92 -9.14 8.35
C GLU D 27 40.99 -9.41 6.85
N PHE D 28 40.94 -8.34 6.06
CA PHE D 28 40.80 -8.42 4.61
C PHE D 28 40.95 -7.00 4.12
N GLU D 29 41.34 -6.85 2.85
CA GLU D 29 41.64 -5.53 2.30
C GLU D 29 40.50 -4.95 1.47
N VAL D 30 40.21 -3.66 1.67
CA VAL D 30 39.23 -2.91 0.86
C VAL D 30 39.93 -1.97 -0.13
N ARG D 31 39.34 -1.80 -1.32
CA ARG D 31 40.04 -1.16 -2.43
C ARG D 31 39.26 -0.02 -3.10
N VAL D 32 39.94 1.11 -3.28
CA VAL D 32 39.41 2.28 -3.97
C VAL D 32 40.27 2.59 -5.19
N VAL D 33 39.83 3.53 -6.04
CA VAL D 33 40.40 3.67 -7.37
C VAL D 33 40.23 5.09 -7.96
N ARG D 34 41.25 5.58 -8.68
CA ARG D 34 41.20 6.91 -9.33
C ARG D 34 41.17 6.84 -10.87
N ARG D 35 40.18 7.48 -11.48
CA ARG D 35 39.94 7.36 -12.92
C ARG D 35 40.56 8.44 -13.83
N GLY D 36 40.23 9.70 -13.59
CA GLY D 36 40.68 10.76 -14.48
C GLY D 36 42.17 11.10 -14.46
N ASP D 37 42.52 12.14 -13.69
CA ASP D 37 43.89 12.67 -13.68
C ASP D 37 44.75 12.13 -12.51
N ILE D 38 45.63 11.19 -12.82
CA ILE D 38 46.48 10.53 -11.83
C ILE D 38 47.73 11.39 -11.58
N SER D 39 47.92 12.40 -12.43
CA SER D 39 49.08 13.27 -12.36
C SER D 39 49.03 14.35 -11.27
N THR D 40 48.02 14.27 -10.40
CA THR D 40 47.86 15.21 -9.29
C THR D 40 47.70 14.45 -7.97
N TYR D 41 48.00 15.09 -6.85
CA TYR D 41 47.69 14.45 -5.59
C TYR D 41 46.20 14.54 -5.38
N ALA D 42 45.60 13.45 -4.93
CA ALA D 42 44.17 13.43 -4.59
C ALA D 42 43.88 12.60 -3.33
N SER D 43 42.99 13.11 -2.47
CA SER D 43 42.59 12.44 -1.22
C SER D 43 41.14 11.90 -1.24
N VAL D 44 40.71 11.36 -0.10
CA VAL D 44 39.33 10.90 0.07
C VAL D 44 39.14 10.18 1.42
N GLU D 45 37.94 10.27 1.96
CA GLU D 45 37.63 9.62 3.23
C GLU D 45 36.64 8.49 3.03
N TYR D 46 36.39 7.79 4.13
CA TYR D 46 35.41 6.72 4.18
C TYR D 46 35.17 6.48 5.65
N GLU D 47 34.05 5.86 5.96
CA GLU D 47 33.76 5.52 7.34
C GLU D 47 32.93 4.27 7.31
N THR D 48 33.22 3.33 8.20
CA THR D 48 32.39 2.14 8.28
C THR D 48 31.07 2.63 8.82
N GLN D 49 29.99 2.03 8.35
CA GLN D 49 28.68 2.30 8.91
C GLN D 49 27.80 1.06 9.00
N ASP D 50 27.12 0.94 10.14
CA ASP D 50 26.40 -0.27 10.53
C ASP D 50 25.37 -0.80 9.53
N GLY D 51 25.33 -2.13 9.44
CA GLY D 51 24.31 -2.81 8.68
C GLY D 51 23.69 -3.85 9.57
N THR D 52 23.48 -5.04 9.03
CA THR D 52 23.03 -6.17 9.84
C THR D 52 24.07 -6.48 10.94
N ALA D 53 25.32 -6.04 10.74
CA ALA D 53 26.40 -6.27 11.71
C ALA D 53 26.65 -5.05 12.60
N SER D 54 27.59 -5.17 13.53
CA SER D 54 27.86 -4.12 14.54
C SER D 54 29.36 -4.03 14.89
N ALA D 55 29.85 -2.82 15.11
CA ALA D 55 31.30 -2.57 15.27
C ALA D 55 31.88 -2.90 16.65
N GLY D 56 31.44 -4.01 17.24
CA GLY D 56 31.94 -4.44 18.54
C GLY D 56 31.57 -5.88 18.85
N THR D 57 30.74 -6.45 17.98
CA THR D 57 30.35 -7.85 18.11
C THR D 57 30.81 -8.65 16.88
N ASP D 58 31.26 -7.93 15.85
CA ASP D 58 31.49 -8.56 14.56
C ASP D 58 32.70 -8.00 13.81
N PHE D 59 33.17 -6.82 14.22
CA PHE D 59 34.38 -6.22 13.63
C PHE D 59 34.85 -4.95 14.37
N VAL D 60 35.62 -4.10 13.68
CA VAL D 60 36.10 -2.84 14.29
C VAL D 60 35.81 -1.58 13.46
N GLY D 61 35.50 -0.47 14.13
CA GLY D 61 35.10 0.77 13.49
C GLY D 61 36.24 1.58 12.89
N ARG D 62 36.05 2.07 11.67
CA ARG D 62 37.10 2.81 10.97
C ARG D 62 36.58 3.87 10.02
N LYS D 63 36.84 5.13 10.38
CA LYS D 63 36.73 6.24 9.45
C LYS D 63 38.19 6.58 9.28
N GLY D 64 38.61 6.90 8.07
CA GLY D 64 40.04 7.03 7.85
C GLY D 64 40.45 7.77 6.60
N LEU D 65 41.76 7.82 6.37
CA LEU D 65 42.32 8.67 5.32
C LEU D 65 43.32 7.99 4.38
N LEU D 66 42.97 7.97 3.09
CA LEU D 66 43.79 7.38 2.04
C LEU D 66 44.54 8.44 1.23
N SER D 67 45.77 8.15 0.83
CA SER D 67 46.51 9.10 0.02
C SER D 67 46.82 8.57 -1.39
N PHE D 68 46.49 9.39 -2.39
CA PHE D 68 46.71 9.06 -3.79
C PHE D 68 47.76 10.00 -4.41
N PRO D 69 49.03 9.81 -4.05
CA PRO D 69 50.17 10.58 -4.58
C PRO D 69 50.16 10.59 -6.10
N PRO D 70 50.45 11.75 -6.72
CA PRO D 70 50.43 11.75 -8.19
C PRO D 70 51.25 10.60 -8.71
N GLY D 71 50.60 9.60 -9.29
CA GLY D 71 51.27 8.40 -9.73
C GLY D 71 50.47 7.15 -9.44
N VAL D 72 49.81 7.12 -8.29
CA VAL D 72 48.97 5.98 -7.93
C VAL D 72 47.52 6.25 -8.29
N ASP D 73 46.88 5.28 -8.94
CA ASP D 73 45.47 5.42 -9.25
C ASP D 73 44.57 4.46 -8.46
N GLU D 74 45.10 3.86 -7.40
CA GLU D 74 44.33 2.91 -6.59
C GLU D 74 44.87 2.74 -5.17
N GLN D 75 43.99 2.44 -4.22
CA GLN D 75 44.41 2.27 -2.82
C GLN D 75 43.75 1.10 -2.09
N ARG D 76 44.41 0.65 -1.02
CA ARG D 76 43.95 -0.53 -0.27
C ARG D 76 44.22 -0.45 1.24
N PHE D 77 43.26 -0.95 2.03
CA PHE D 77 43.38 -0.93 3.48
C PHE D 77 42.71 -2.15 4.09
N ARG D 78 43.00 -2.40 5.36
CA ARG D 78 42.51 -3.59 6.01
C ARG D 78 41.40 -3.31 7.03
N ILE D 79 40.37 -4.14 7.01
CA ILE D 79 39.34 -4.10 8.04
C ILE D 79 39.36 -5.38 8.86
N GLU D 80 39.20 -5.26 10.18
CA GLU D 80 39.33 -6.44 11.04
C GLU D 80 37.99 -7.07 11.44
N VAL D 81 37.85 -8.37 11.21
CA VAL D 81 36.66 -9.10 11.63
C VAL D 81 36.78 -9.59 13.08
N ILE D 82 35.71 -9.39 13.84
CA ILE D 82 35.62 -9.93 15.20
C ILE D 82 35.15 -11.37 15.21
N ASP D 83 35.97 -12.23 15.79
CA ASP D 83 35.63 -13.63 15.92
C ASP D 83 35.12 -13.95 17.33
N ASP D 84 34.31 -14.99 17.42
CA ASP D 84 33.64 -15.34 18.65
C ASP D 84 33.25 -16.80 18.59
N ASP D 85 32.40 -17.23 19.51
CA ASP D 85 31.98 -18.62 19.59
C ASP D 85 30.51 -18.73 19.16
N VAL D 86 29.80 -17.62 19.28
CA VAL D 86 28.38 -17.61 19.01
C VAL D 86 28.01 -17.70 17.54
N PHE D 87 27.14 -18.64 17.22
CA PHE D 87 26.60 -18.78 15.89
C PHE D 87 25.66 -17.61 15.59
N GLU D 88 25.90 -16.93 14.47
CA GLU D 88 25.03 -15.86 13.97
C GLU D 88 24.65 -16.20 12.53
N GLU D 89 23.69 -15.47 11.97
CA GLU D 89 23.39 -15.56 10.53
C GLU D 89 24.35 -14.65 9.74
N ASP D 90 24.38 -14.80 8.42
CA ASP D 90 25.27 -13.97 7.61
C ASP D 90 24.80 -12.51 7.63
N GLU D 91 25.74 -11.57 7.74
CA GLU D 91 25.36 -10.15 7.95
C GLU D 91 26.12 -9.11 7.09
N CYS D 92 25.47 -8.59 6.05
CA CYS D 92 26.03 -7.49 5.26
C CYS D 92 26.20 -6.22 6.12
N PHE D 93 27.44 -5.81 6.38
CA PHE D 93 27.69 -4.46 6.90
C PHE D 93 28.22 -3.57 5.77
N TYR D 94 28.48 -2.30 6.05
CA TYR D 94 28.69 -1.32 4.98
C TYR D 94 29.86 -0.36 5.20
N ILE D 95 30.74 -0.22 4.19
CA ILE D 95 31.72 0.87 4.18
C ILE D 95 31.41 1.87 3.09
N ARG D 96 31.58 3.15 3.41
CA ARG D 96 31.21 4.24 2.53
C ARG D 96 32.23 5.38 2.57
N LEU D 97 32.53 5.92 1.40
CA LEU D 97 33.52 6.97 1.25
C LEU D 97 32.85 8.34 1.34
N PHE D 98 33.65 9.40 1.35
CA PHE D 98 33.12 10.77 1.41
C PHE D 98 34.26 11.79 1.46
N ASN D 99 33.90 13.06 1.52
CA ASN D 99 34.87 14.15 1.63
C ASN D 99 36.05 14.05 0.65
N PRO D 100 35.75 13.87 -0.65
CA PRO D 100 36.79 13.77 -1.69
C PRO D 100 37.53 15.10 -1.82
N SER D 101 38.69 15.10 -2.47
CA SER D 101 39.38 16.36 -2.71
C SER D 101 38.83 17.01 -3.99
N GLU D 102 38.55 18.31 -3.90
CA GLU D 102 37.84 19.07 -4.92
C GLU D 102 37.96 18.57 -6.37
N GLY D 103 39.19 18.28 -6.82
CA GLY D 103 39.37 17.87 -8.19
C GLY D 103 38.38 16.77 -8.56
N VAL D 104 38.26 15.83 -7.64
CA VAL D 104 37.64 14.53 -7.88
C VAL D 104 36.19 14.43 -7.37
N LYS D 105 35.45 13.47 -7.94
CA LYS D 105 34.06 13.22 -7.63
C LYS D 105 33.95 11.74 -7.27
N LEU D 106 32.94 11.36 -6.49
CA LEU D 106 32.76 9.95 -6.17
C LEU D 106 31.92 9.26 -7.23
N ALA D 107 31.94 7.92 -7.23
CA ALA D 107 31.13 7.13 -8.15
C ALA D 107 30.91 5.68 -7.66
N VAL D 108 30.27 4.85 -8.48
CA VAL D 108 29.98 3.47 -8.07
C VAL D 108 31.11 2.47 -8.36
N PRO D 109 31.37 1.59 -7.37
CA PRO D 109 30.62 1.57 -6.11
C PRO D 109 31.30 2.42 -5.02
N MET D 110 30.75 3.59 -4.72
CA MET D 110 31.27 4.42 -3.63
C MET D 110 30.67 3.98 -2.28
N ILE D 111 29.82 2.95 -2.35
CA ILE D 111 29.41 2.21 -1.16
C ILE D 111 29.76 0.75 -1.34
N ALA D 112 30.86 0.35 -0.72
CA ALA D 112 31.19 -1.06 -0.59
C ALA D 112 30.20 -1.69 0.38
N THR D 113 29.55 -2.76 -0.06
CA THR D 113 28.79 -3.60 0.84
C THR D 113 29.69 -4.76 1.22
N VAL D 114 29.56 -5.24 2.45
CA VAL D 114 30.42 -6.29 3.00
C VAL D 114 29.62 -7.33 3.77
N MET D 115 29.85 -8.62 3.49
CA MET D 115 29.14 -9.64 4.26
C MET D 115 30.07 -10.41 5.19
N ILE D 116 29.53 -10.79 6.34
CA ILE D 116 30.28 -11.62 7.27
C ILE D 116 29.70 -13.03 7.33
N LEU D 117 30.53 -13.99 6.96
CA LEU D 117 30.09 -15.38 6.91
C LEU D 117 30.43 -16.07 8.22
N ASP D 118 29.39 -16.30 9.01
CA ASP D 118 29.48 -17.00 10.26
C ASP D 118 30.08 -18.38 10.03
N ASP D 119 31.06 -18.74 10.86
CA ASP D 119 31.71 -20.05 10.80
C ASP D 119 31.26 -20.97 11.95
N ASP D 120 30.31 -20.49 12.75
CA ASP D 120 29.99 -21.12 14.02
C ASP D 120 28.83 -22.11 13.96
N HIS D 121 28.45 -22.57 12.78
CA HIS D 121 27.40 -23.58 12.75
C HIS D 121 27.95 -24.98 13.04
N ALA D 122 27.06 -25.93 13.26
CA ALA D 122 27.36 -27.21 13.93
C ALA D 122 28.14 -28.34 13.22
N GLY D 123 27.89 -28.65 11.94
CA GLY D 123 26.90 -28.00 11.11
C GLY D 123 26.10 -29.04 10.35
N ILE D 124 26.00 -28.86 9.04
CA ILE D 124 25.07 -29.65 8.23
C ILE D 124 25.67 -30.89 7.57
N PHE D 125 25.23 -32.07 7.99
CA PHE D 125 25.81 -33.33 7.52
C PHE D 125 25.03 -33.94 6.38
N ALA D 126 25.72 -34.64 5.48
CA ALA D 126 25.04 -35.29 4.36
C ALA D 126 26.02 -36.05 3.52
N PHE D 127 25.61 -37.20 2.98
CA PHE D 127 26.46 -37.97 2.08
C PHE D 127 26.91 -37.09 0.93
N THR D 128 27.87 -37.58 0.16
CA THR D 128 28.40 -36.84 -0.98
C THR D 128 27.60 -37.03 -2.25
N ASP D 129 26.94 -38.17 -2.36
CA ASP D 129 26.22 -38.51 -3.57
C ASP D 129 25.11 -39.47 -3.21
N SER D 130 24.04 -39.50 -3.99
CA SER D 130 22.91 -40.38 -3.68
C SER D 130 23.05 -41.76 -4.31
N VAL D 131 24.10 -41.92 -5.12
CA VAL D 131 24.50 -43.23 -5.65
C VAL D 131 26.01 -43.38 -5.85
N PHE D 132 26.58 -44.41 -5.24
CA PHE D 132 28.00 -44.71 -5.40
C PHE D 132 28.20 -46.03 -6.12
N GLU D 133 29.19 -46.05 -7.02
CA GLU D 133 29.50 -47.22 -7.83
C GLU D 133 30.71 -47.96 -7.28
N ILE D 134 30.64 -49.28 -7.30
CA ILE D 134 31.63 -50.09 -6.61
C ILE D 134 31.90 -51.39 -7.38
N THR D 135 33.19 -51.67 -7.62
CA THR D 135 33.55 -52.69 -8.60
C THR D 135 33.62 -54.12 -8.05
N GLU D 136 33.13 -55.05 -8.86
CA GLU D 136 33.17 -56.49 -8.61
C GLU D 136 33.89 -56.92 -7.31
N SER D 137 35.17 -57.30 -7.46
CA SER D 137 35.93 -57.92 -6.38
C SER D 137 36.96 -56.94 -5.80
N VAL D 138 36.51 -56.03 -4.94
CA VAL D 138 37.41 -55.00 -4.37
C VAL D 138 37.21 -54.58 -2.89
N GLY D 139 36.93 -55.54 -2.00
CA GLY D 139 37.04 -55.35 -0.56
C GLY D 139 36.23 -54.30 0.21
N ARG D 140 36.89 -53.16 0.52
CA ARG D 140 36.29 -52.09 1.32
C ARG D 140 36.11 -50.81 0.50
N PHE D 141 35.27 -49.89 0.99
CA PHE D 141 35.08 -48.57 0.38
C PHE D 141 35.07 -47.49 1.47
N GLU D 142 35.66 -46.33 1.20
CA GLU D 142 35.59 -45.22 2.15
C GLU D 142 34.45 -44.27 1.82
N LEU D 143 33.31 -44.48 2.48
CA LEU D 143 32.12 -43.64 2.35
C LEU D 143 32.28 -42.41 3.24
N LYS D 144 31.84 -41.25 2.77
CA LYS D 144 32.09 -40.00 3.50
C LYS D 144 30.80 -39.34 3.99
N VAL D 145 30.85 -38.81 5.21
CA VAL D 145 29.82 -37.93 5.71
C VAL D 145 30.39 -36.51 5.86
N MET D 146 29.88 -35.60 5.05
CA MET D 146 30.35 -34.22 5.03
C MET D 146 29.66 -33.40 6.11
N ARG D 147 30.23 -32.26 6.44
CA ARG D 147 29.63 -31.37 7.43
C ARG D 147 29.70 -29.94 6.94
N TYR D 148 28.81 -29.61 6.03
CA TYR D 148 28.79 -28.32 5.35
C TYR D 148 28.35 -27.18 6.29
N SER D 149 28.61 -25.94 5.87
CA SER D 149 28.07 -24.76 6.56
C SER D 149 28.77 -24.38 7.87
N GLY D 150 29.22 -25.39 8.61
CA GLY D 150 29.89 -25.14 9.87
C GLY D 150 30.62 -26.35 10.42
N ALA D 151 31.09 -26.21 11.65
CA ALA D 151 31.75 -27.28 12.38
C ALA D 151 32.08 -26.74 13.76
N ARG D 152 31.09 -26.10 14.37
CA ARG D 152 31.27 -25.43 15.65
C ARG D 152 30.88 -26.35 16.78
N GLY D 153 31.87 -27.03 17.35
CA GLY D 153 31.65 -27.92 18.46
C GLY D 153 31.51 -29.37 18.03
N THR D 154 31.22 -30.23 19.01
CA THR D 154 31.16 -31.67 18.76
C THR D 154 29.76 -32.13 18.39
N VAL D 155 29.69 -32.89 17.30
CA VAL D 155 28.43 -33.46 16.84
C VAL D 155 28.57 -34.97 16.64
N ILE D 156 27.54 -35.69 17.09
CA ILE D 156 27.44 -37.14 16.97
C ILE D 156 26.46 -37.49 15.86
N VAL D 157 26.81 -38.52 15.10
CA VAL D 157 26.17 -38.80 13.83
C VAL D 157 25.88 -40.30 13.68
N PRO D 158 24.61 -40.70 13.93
CA PRO D 158 24.13 -42.08 13.80
C PRO D 158 24.12 -42.59 12.37
N TYR D 159 24.64 -43.79 12.14
CA TYR D 159 24.51 -44.40 10.83
C TYR D 159 24.18 -45.87 10.97
N TRP D 160 24.27 -46.59 9.85
CA TRP D 160 24.03 -48.03 9.80
C TRP D 160 23.77 -48.50 8.37
N THR D 161 23.20 -49.69 8.25
CA THR D 161 23.05 -50.32 6.96
C THR D 161 21.67 -50.95 6.80
N GLU D 162 21.32 -51.31 5.56
CA GLU D 162 19.99 -51.81 5.24
C GLU D 162 19.97 -52.92 4.18
N ASN D 163 19.38 -54.07 4.53
CA ASN D 163 19.20 -55.12 3.54
C ASN D 163 18.49 -54.52 2.32
N ASP D 164 19.00 -54.80 1.13
CA ASP D 164 18.28 -54.46 -0.09
C ASP D 164 18.22 -55.63 -1.09
N THR D 165 18.61 -55.36 -2.33
CA THR D 165 18.79 -56.42 -3.32
C THR D 165 20.09 -57.11 -2.95
N ALA D 166 21.00 -56.33 -2.39
CA ALA D 166 22.17 -56.84 -1.72
C ALA D 166 21.77 -57.10 -0.27
N THR D 167 22.09 -58.30 0.22
CA THR D 167 21.72 -58.70 1.57
C THR D 167 22.91 -58.55 2.51
N GLU D 168 22.65 -58.11 3.73
CA GLU D 168 23.71 -58.08 4.73
C GLU D 168 24.17 -59.49 5.00
N SER D 169 25.49 -59.65 5.12
CA SER D 169 26.10 -60.96 5.33
C SER D 169 25.87 -61.85 4.11
N LYS D 170 25.63 -61.23 2.95
CA LYS D 170 25.56 -61.97 1.68
C LYS D 170 26.22 -61.17 0.55
N ASP D 171 25.86 -59.90 0.42
CA ASP D 171 26.48 -59.04 -0.57
C ASP D 171 27.40 -58.06 0.15
N TYR D 172 26.89 -57.49 1.24
CA TYR D 172 27.66 -56.58 2.10
C TYR D 172 27.65 -57.12 3.54
N GLU D 173 27.68 -56.23 4.54
CA GLU D 173 27.54 -56.72 5.92
C GLU D 173 27.23 -55.66 6.99
N GLY D 174 26.97 -56.15 8.20
CA GLY D 174 26.78 -55.33 9.38
C GLY D 174 26.83 -53.82 9.27
N ALA D 175 28.02 -53.26 9.50
CA ALA D 175 28.22 -51.82 9.49
C ALA D 175 27.11 -51.04 10.21
N ARG D 176 27.27 -50.82 11.51
CA ARG D 176 26.35 -49.99 12.27
C ARG D 176 27.04 -49.38 13.47
N GLY D 177 27.01 -48.06 13.56
CA GLY D 177 27.62 -47.34 14.66
C GLY D 177 27.21 -45.88 14.66
N GLU D 178 28.12 -45.02 15.10
CA GLU D 178 27.91 -43.57 15.09
C GLU D 178 29.24 -42.85 14.96
N LEU D 179 29.27 -41.79 14.16
CA LEU D 179 30.49 -41.01 13.95
C LEU D 179 30.54 -39.81 14.90
N VAL D 180 31.73 -39.56 15.44
CA VAL D 180 31.91 -38.43 16.35
C VAL D 180 32.82 -37.40 15.71
N PHE D 181 32.19 -36.46 15.02
CA PHE D 181 32.92 -35.31 14.52
C PHE D 181 33.32 -34.52 15.75
N GLU D 182 34.63 -34.35 15.94
CA GLU D 182 35.14 -33.54 17.03
C GLU D 182 34.84 -32.08 16.69
N ASN D 183 35.70 -31.16 17.09
CA ASN D 183 35.44 -29.74 16.87
C ASN D 183 35.60 -29.32 15.42
N ASN D 184 36.81 -28.94 15.04
CA ASN D 184 37.02 -28.45 13.69
C ASN D 184 37.17 -29.59 12.68
N GLU D 185 36.08 -30.33 12.47
CA GLU D 185 36.10 -31.38 11.46
C GLU D 185 34.87 -31.41 10.56
N SER D 186 35.11 -31.32 9.25
CA SER D 186 34.07 -31.42 8.25
C SER D 186 33.67 -32.86 8.04
N GLU D 187 34.62 -33.68 7.59
CA GLU D 187 34.29 -35.04 7.15
C GLU D 187 34.83 -36.17 8.03
N LYS D 188 34.04 -37.23 8.09
CA LYS D 188 34.45 -38.48 8.73
C LYS D 188 33.91 -39.56 7.81
N PHE D 189 34.43 -40.79 7.93
CA PHE D 189 34.02 -41.86 7.02
C PHE D 189 33.08 -42.86 7.70
N ILE D 190 32.25 -43.53 6.88
CA ILE D 190 31.60 -44.77 7.32
C ILE D 190 32.36 -45.90 6.61
N ASP D 191 32.46 -47.06 7.25
CA ASP D 191 33.21 -48.19 6.70
C ASP D 191 32.26 -49.26 6.21
N LEU D 192 32.45 -49.75 4.98
CA LEU D 192 31.57 -50.77 4.43
C LEU D 192 32.35 -51.99 3.91
N PHE D 193 31.80 -53.17 4.18
CA PHE D 193 32.49 -54.43 3.91
C PHE D 193 31.70 -55.44 3.03
N ILE D 194 32.24 -55.64 1.82
CA ILE D 194 31.62 -56.43 0.74
C ILE D 194 32.37 -57.74 0.48
N LEU D 195 31.73 -58.65 -0.28
CA LEU D 195 32.27 -59.98 -0.51
C LEU D 195 32.51 -60.23 -2.02
N ASP D 203 25.54 -57.08 -9.88
CA ASP D 203 24.25 -56.62 -10.42
C ASP D 203 23.40 -55.76 -9.46
N VAL D 204 23.29 -56.22 -8.21
CA VAL D 204 22.39 -55.62 -7.22
C VAL D 204 23.04 -54.57 -6.31
N SER D 205 22.31 -54.19 -5.25
CA SER D 205 22.65 -53.01 -4.46
C SER D 205 22.09 -52.96 -3.03
N PHE D 206 22.72 -52.15 -2.18
CA PHE D 206 22.18 -51.82 -0.85
C PHE D 206 22.35 -50.32 -0.56
N LYS D 207 21.54 -49.78 0.36
CA LYS D 207 21.69 -48.38 0.73
C LYS D 207 22.23 -48.20 2.15
N VAL D 208 22.97 -47.11 2.35
CA VAL D 208 23.45 -46.73 3.68
C VAL D 208 22.79 -45.41 4.06
N HIS D 209 22.58 -45.20 5.36
CA HIS D 209 21.93 -43.99 5.84
C HIS D 209 22.73 -43.32 6.92
N ILE D 210 22.59 -42.00 6.99
CA ILE D 210 22.97 -41.28 8.19
C ILE D 210 21.69 -40.87 8.89
N GLY D 211 21.81 -40.52 10.16
CA GLY D 211 20.66 -40.33 11.01
C GLY D 211 20.40 -38.88 11.37
N GLU D 212 20.10 -38.66 12.65
CA GLU D 212 19.68 -37.35 13.11
C GLU D 212 20.75 -36.73 14.02
N PRO D 213 21.61 -35.87 13.43
CA PRO D 213 22.79 -35.31 14.10
C PRO D 213 22.44 -34.81 15.47
N ARG D 214 23.33 -35.01 16.43
CA ARG D 214 23.13 -34.53 17.78
C ARG D 214 24.44 -33.94 18.25
N LEU D 215 24.37 -32.85 19.00
CA LEU D 215 25.55 -32.27 19.63
C LEU D 215 26.14 -33.28 20.63
N ALA D 216 27.10 -32.84 21.45
CA ALA D 216 27.60 -33.69 22.52
C ALA D 216 27.37 -32.97 23.84
N PRO D 217 27.06 -33.73 24.91
CA PRO D 217 26.77 -33.19 26.26
C PRO D 217 27.97 -32.51 26.92
N ASP D 218 28.67 -31.69 26.15
CA ASP D 218 29.94 -31.12 26.60
C ASP D 218 30.31 -30.00 25.64
N SER D 219 29.81 -30.09 24.40
CA SER D 219 29.98 -29.02 23.44
C SER D 219 29.57 -27.72 24.11
N THR D 220 30.54 -26.85 24.35
CA THR D 220 30.38 -25.64 25.18
C THR D 220 28.94 -25.05 25.27
N HIS D 221 28.24 -25.01 24.15
CA HIS D 221 26.87 -24.54 24.13
C HIS D 221 25.95 -25.74 24.09
N TYR D 222 25.58 -26.25 25.24
CA TYR D 222 24.72 -27.43 25.29
C TYR D 222 23.83 -27.35 26.51
N PRO D 223 24.43 -27.03 27.67
CA PRO D 223 23.59 -26.75 28.85
C PRO D 223 22.87 -25.47 28.50
N LYS D 224 23.63 -24.54 27.95
CA LYS D 224 23.16 -23.25 27.47
C LYS D 224 22.00 -23.44 26.49
N ILE D 225 22.03 -24.58 25.79
CA ILE D 225 20.96 -24.94 24.88
C ILE D 225 19.78 -25.58 25.60
N LYS D 226 19.95 -26.82 26.06
CA LYS D 226 18.83 -27.54 26.66
C LYS D 226 18.24 -26.77 27.83
N GLU D 227 18.99 -25.78 28.29
CA GLU D 227 18.50 -24.76 29.23
C GLU D 227 17.38 -23.94 28.60
N VAL D 228 17.70 -23.29 27.49
CA VAL D 228 16.74 -22.46 26.77
C VAL D 228 15.66 -23.32 26.10
N GLU D 229 16.03 -24.52 25.68
CA GLU D 229 15.08 -25.45 25.09
C GLU D 229 13.95 -25.81 26.05
N LYS D 230 14.02 -25.25 27.26
CA LYS D 230 12.97 -25.43 28.27
C LYS D 230 11.87 -24.41 28.04
N LYS D 231 12.25 -23.25 27.50
CA LYS D 231 11.34 -22.15 27.28
C LYS D 231 10.25 -22.49 26.29
N PRO D 232 9.03 -22.00 26.54
CA PRO D 232 8.00 -21.94 25.50
C PRO D 232 8.56 -21.11 24.34
N VAL D 233 8.55 -21.70 23.15
CA VAL D 233 8.93 -21.05 21.91
C VAL D 233 8.51 -19.59 21.92
N GLN D 234 7.29 -19.38 22.38
CA GLN D 234 6.73 -18.05 22.55
C GLN D 234 7.69 -17.12 23.27
N ASP D 235 8.08 -17.50 24.49
CA ASP D 235 8.89 -16.64 25.35
C ASP D 235 10.36 -16.66 24.95
N LEU D 236 10.70 -17.61 24.07
CA LEU D 236 11.98 -17.61 23.40
C LEU D 236 12.19 -16.24 22.79
N THR D 237 13.23 -15.54 23.22
CA THR D 237 13.41 -14.15 22.81
C THR D 237 13.71 -14.03 21.32
N GLU D 238 14.93 -13.56 21.06
CA GLU D 238 15.41 -13.37 19.70
C GLU D 238 16.73 -14.09 19.54
N LEU D 239 17.70 -13.78 20.41
CA LEU D 239 18.98 -14.48 20.40
C LEU D 239 18.84 -15.96 20.78
N ASP D 240 17.70 -16.33 21.34
CA ASP D 240 17.45 -17.72 21.63
C ASP D 240 17.09 -18.43 20.33
N ARG D 241 16.39 -17.71 19.45
CA ARG D 241 16.08 -18.21 18.11
C ARG D 241 17.37 -18.56 17.36
N ILE D 242 18.26 -17.59 17.26
CA ILE D 242 19.52 -17.73 16.52
C ILE D 242 20.47 -18.75 17.12
N LEU D 243 20.66 -18.67 18.42
CA LEU D 243 21.36 -19.71 19.17
C LEU D 243 20.81 -21.07 18.74
N LEU D 244 19.49 -21.23 18.84
CA LEU D 244 18.86 -22.50 18.49
C LEU D 244 19.26 -23.03 17.11
N LEU D 245 19.12 -22.22 16.07
CA LEU D 245 19.41 -22.68 14.71
C LEU D 245 20.76 -23.36 14.59
N SER D 246 21.73 -22.89 15.36
CA SER D 246 23.12 -23.34 15.26
C SER D 246 23.31 -24.84 15.48
N LYS D 247 22.31 -25.48 16.07
CA LYS D 247 22.43 -26.91 16.34
C LYS D 247 22.46 -27.70 15.02
N PRO D 248 23.25 -28.79 14.98
CA PRO D 248 23.56 -29.58 13.79
C PRO D 248 22.35 -30.14 13.08
N ARG D 249 22.49 -30.34 11.78
CA ARG D 249 21.41 -30.83 10.94
C ARG D 249 21.94 -31.72 9.81
N ASN D 250 21.01 -32.38 9.11
CA ASN D 250 21.34 -33.08 7.87
C ASN D 250 21.07 -32.22 6.63
N GLY D 251 21.96 -32.35 5.65
CA GLY D 251 21.82 -31.69 4.38
C GLY D 251 20.92 -32.47 3.45
N GLU D 252 21.27 -32.50 2.17
CA GLU D 252 20.39 -33.09 1.17
C GLU D 252 20.38 -34.62 1.26
N LEU D 253 21.56 -35.23 1.22
CA LEU D 253 21.69 -36.70 1.12
C LEU D 253 21.84 -37.39 2.47
N THR D 254 20.85 -38.22 2.81
CA THR D 254 20.88 -38.95 4.05
C THR D 254 20.68 -40.41 3.73
N THR D 255 20.61 -40.72 2.44
CA THR D 255 20.73 -42.09 1.98
C THR D 255 21.71 -42.11 0.82
N ALA D 256 22.65 -43.04 0.90
CA ALA D 256 23.49 -43.35 -0.25
C ALA D 256 22.95 -44.62 -0.90
N TYR D 257 23.60 -45.04 -1.98
CA TYR D 257 23.27 -46.28 -2.66
C TYR D 257 24.57 -46.87 -3.19
N VAL D 258 24.84 -48.14 -2.90
CA VAL D 258 26.11 -48.77 -3.30
C VAL D 258 25.95 -49.87 -4.36
N ARG D 259 26.48 -49.64 -5.56
CA ARG D 259 26.25 -50.54 -6.70
C ARG D 259 27.41 -51.48 -7.00
N ILE D 260 27.11 -52.78 -7.06
CA ILE D 260 28.12 -53.83 -7.18
C ILE D 260 28.05 -54.57 -8.52
#